data_2R94
#
_entry.id   2R94
#
_cell.length_a   149.760
_cell.length_b   149.760
_cell.length_c   173.470
_cell.angle_alpha   90.00
_cell.angle_beta   90.00
_cell.angle_gamma   90.00
#
_symmetry.space_group_name_H-M   'P 43 21 2'
#
loop_
_entity.id
_entity.type
_entity.pdbx_description
1 polymer '2-Keto-3-deoxy-(6-phospho-)gluconate aldolase'
2 non-polymer 'PYRUVIC ACID'
3 water water
#
_entity_poly.entity_id   1
_entity_poly.type   'polypeptide(L)'
_entity_poly.pdbx_seq_one_letter_code
;MEIVAPVITTFRGGRLDPELFANHVKNITSKGVDVVFVAGTTGLGPALSLQEKMELTDAATSAARRVIVQVASLNADEAI
ALAKYAESRGAEAVASLPPYYFPRLSERQIAKYFRDLCSAVSIPVFLYNYPAAVGRDVDARAAKELGCIRGVKDTNESLA
HTLAYKRYLPQARVYNGSDSLVFASFAVRLDGVVASSANYLPELLAGIRDAVAAGDIERARSLQFLLDEIVESARHIGYA
AAVYELVEIFQGYEAGEPRGPVYPLDPEEKAWLRAAVAKAKSQLRL
;
_entity_poly.pdbx_strand_id   A,D,B,C
#
loop_
_chem_comp.id
_chem_comp.type
_chem_comp.name
_chem_comp.formula
PYR non-polymer 'PYRUVIC ACID' 'C3 H4 O3'
#
# COMPACT_ATOMS: atom_id res chain seq x y z
N MET A 1 12.71 3.90 -31.75
CA MET A 1 12.48 3.84 -30.26
C MET A 1 13.82 3.83 -29.60
N GLU A 2 13.86 4.59 -28.54
CA GLU A 2 15.13 4.90 -27.91
C GLU A 2 15.47 4.08 -26.73
N ILE A 3 16.75 3.89 -26.57
CA ILE A 3 17.33 3.34 -25.37
C ILE A 3 18.03 4.49 -24.65
N VAL A 4 17.48 4.89 -23.50
CA VAL A 4 18.02 5.97 -22.70
C VAL A 4 18.68 5.36 -21.45
N ALA A 5 19.92 5.72 -21.17
CA ALA A 5 20.61 5.22 -19.99
C ALA A 5 20.50 6.23 -18.89
N PRO A 6 19.91 5.84 -17.74
CA PRO A 6 19.96 6.73 -16.59
C PRO A 6 21.31 6.39 -16.00
N VAL A 7 22.32 7.16 -16.38
CA VAL A 7 23.73 6.78 -16.21
C VAL A 7 24.14 6.91 -14.77
N ILE A 8 25.06 6.07 -14.35
CA ILE A 8 25.51 6.11 -12.96
C ILE A 8 26.42 7.34 -12.80
N THR A 9 26.50 7.85 -11.57
CA THR A 9 27.41 8.88 -11.22
C THR A 9 28.63 8.21 -10.59
N THR A 10 29.81 8.40 -11.19
CA THR A 10 30.93 7.62 -10.79
C THR A 10 31.84 8.38 -9.83
N PHE A 11 31.76 8.06 -8.55
CA PHE A 11 32.64 8.61 -7.57
C PHE A 11 33.91 7.81 -7.52
N ARG A 12 34.99 8.51 -7.16
CA ARG A 12 36.25 7.88 -6.80
C ARG A 12 36.84 8.84 -5.79
N GLY A 13 37.24 8.32 -4.64
CA GLY A 13 37.76 9.18 -3.57
C GLY A 13 36.77 10.21 -3.02
N GLY A 14 35.49 9.84 -2.90
CA GLY A 14 34.47 10.74 -2.34
C GLY A 14 33.98 11.84 -3.26
N ARG A 15 34.74 12.07 -4.34
CA ARG A 15 34.37 13.08 -5.31
C ARG A 15 34.03 12.47 -6.67
N LEU A 16 33.20 13.16 -7.42
CA LEU A 16 32.92 12.79 -8.78
C LEU A 16 34.15 12.62 -9.64
N ASP A 17 34.18 11.61 -10.51
CA ASP A 17 35.32 11.39 -11.38
C ASP A 17 34.84 11.37 -12.83
N PRO A 18 34.95 12.51 -13.54
CA PRO A 18 34.55 12.67 -14.94
C PRO A 18 35.59 11.85 -15.65
N GLU A 19 35.29 11.21 -16.74
CA GLU A 19 36.32 10.37 -17.27
C GLU A 19 36.28 8.91 -16.95
N LEU A 20 36.05 8.55 -15.69
CA LEU A 20 35.37 7.29 -15.37
C LEU A 20 34.03 7.46 -16.04
N PHE A 21 33.37 8.56 -15.70
CA PHE A 21 32.09 8.89 -16.26
C PHE A 21 32.10 8.93 -17.77
N ALA A 22 32.94 9.78 -18.34
CA ALA A 22 33.02 9.92 -19.78
C ALA A 22 33.43 8.64 -20.51
N ASN A 23 34.43 7.90 -20.03
CA ASN A 23 34.73 6.61 -20.63
C ASN A 23 33.47 5.71 -20.61
N HIS A 24 32.70 5.80 -19.53
CA HIS A 24 31.51 4.96 -19.37
C HIS A 24 30.46 5.40 -20.34
N VAL A 25 30.16 6.69 -20.37
CA VAL A 25 29.19 7.23 -21.33
C VAL A 25 29.56 6.89 -22.77
N LYS A 26 30.85 6.92 -23.08
CA LYS A 26 31.24 6.74 -24.44
C LYS A 26 31.11 5.29 -24.81
N ASN A 27 31.42 4.42 -23.86
CA ASN A 27 31.24 3.00 -24.05
C ASN A 27 29.79 2.65 -24.35
N ILE A 28 28.88 3.08 -23.49
CA ILE A 28 27.52 2.60 -23.58
C ILE A 28 26.83 3.20 -24.78
N THR A 29 27.08 4.47 -25.06
CA THR A 29 26.54 5.09 -26.31
C THR A 29 27.09 4.41 -27.59
N SER A 30 28.31 3.89 -27.53
CA SER A 30 28.78 3.14 -28.66
C SER A 30 28.13 1.74 -28.81
N LYS A 31 27.29 1.35 -27.84
CA LYS A 31 26.67 0.03 -27.79
C LYS A 31 25.17 0.05 -27.79
N GLY A 32 24.60 1.12 -28.31
CA GLY A 32 23.19 1.17 -28.51
C GLY A 32 22.47 2.21 -27.68
N VAL A 33 23.13 2.81 -26.69
CA VAL A 33 22.42 3.85 -25.92
C VAL A 33 22.33 5.08 -26.81
N ASP A 34 21.09 5.53 -27.03
CA ASP A 34 20.81 6.71 -27.80
C ASP A 34 20.89 8.03 -26.99
N VAL A 35 20.39 8.03 -25.76
CA VAL A 35 20.27 9.25 -25.00
C VAL A 35 20.86 8.97 -23.62
N VAL A 36 21.49 9.97 -22.99
CA VAL A 36 22.01 9.84 -21.66
C VAL A 36 21.13 10.67 -20.73
N PHE A 37 20.64 10.04 -19.66
CA PHE A 37 19.74 10.68 -18.71
C PHE A 37 20.61 10.84 -17.43
N VAL A 38 21.10 12.06 -17.14
CA VAL A 38 22.06 12.23 -16.08
C VAL A 38 21.35 12.60 -14.80
N ALA A 39 21.88 12.16 -13.65
CA ALA A 39 21.35 12.54 -12.30
C ALA A 39 19.98 11.98 -12.05
N GLY A 40 19.70 10.86 -12.73
CA GLY A 40 18.50 10.08 -12.48
C GLY A 40 18.62 9.38 -11.13
N THR A 41 17.63 8.58 -10.78
CA THR A 41 17.74 7.74 -9.57
C THR A 41 18.94 6.84 -9.67
N THR A 42 19.13 6.20 -10.81
CA THR A 42 20.32 5.31 -10.95
C THR A 42 21.61 6.14 -10.74
N GLY A 43 21.56 7.42 -11.16
CA GLY A 43 22.70 8.28 -10.98
C GLY A 43 22.69 9.04 -9.67
N LEU A 44 21.88 8.61 -8.73
CA LEU A 44 21.83 9.15 -7.36
C LEU A 44 21.41 10.61 -7.28
N GLY A 45 20.63 11.05 -8.24
CA GLY A 45 20.30 12.44 -8.35
C GLY A 45 19.97 13.10 -7.03
N PRO A 46 18.95 12.58 -6.34
CA PRO A 46 18.53 13.21 -5.08
C PRO A 46 19.64 13.33 -4.05
N ALA A 47 20.72 12.59 -4.21
CA ALA A 47 21.82 12.65 -3.29
C ALA A 47 22.93 13.62 -3.76
N LEU A 48 22.79 14.22 -4.94
CA LEU A 48 23.85 15.06 -5.49
C LEU A 48 23.55 16.50 -5.15
N SER A 49 24.59 17.28 -4.81
CA SER A 49 24.41 18.71 -4.67
C SER A 49 24.20 19.29 -6.05
N LEU A 50 23.67 20.49 -6.04
CA LEU A 50 23.53 21.27 -7.24
C LEU A 50 24.86 21.29 -8.07
N GLN A 51 25.98 21.47 -7.39
CA GLN A 51 27.21 21.66 -8.09
C GLN A 51 27.66 20.36 -8.66
N GLU A 52 27.39 19.27 -7.94
CA GLU A 52 27.64 17.91 -8.50
C GLU A 52 26.80 17.65 -9.72
N LYS A 53 25.55 18.05 -9.70
CA LYS A 53 24.73 17.89 -10.90
C LYS A 53 25.24 18.74 -12.05
N MET A 54 25.72 19.94 -11.73
CA MET A 54 26.38 20.77 -12.76
C MET A 54 27.61 20.08 -13.35
N GLU A 55 28.49 19.52 -12.53
CA GLU A 55 29.61 18.74 -13.08
C GLU A 55 29.18 17.56 -13.95
N LEU A 56 28.09 16.95 -13.54
CA LEU A 56 27.61 15.81 -14.27
C LEU A 56 27.07 16.31 -15.60
N THR A 57 26.33 17.41 -15.57
CA THR A 57 25.80 17.98 -16.80
C THR A 57 26.92 18.27 -17.80
N ASP A 58 27.99 18.91 -17.31
CA ASP A 58 29.13 19.18 -18.15
C ASP A 58 29.74 17.90 -18.65
N ALA A 59 29.92 16.92 -17.76
CA ALA A 59 30.60 15.67 -18.22
C ALA A 59 29.71 14.91 -19.24
N ALA A 60 28.41 14.84 -18.99
CA ALA A 60 27.52 14.12 -19.89
C ALA A 60 27.47 14.82 -21.23
N THR A 61 27.28 16.14 -21.24
CA THR A 61 27.12 16.84 -22.52
C THR A 61 28.42 16.86 -23.33
N SER A 62 29.57 16.70 -22.70
CA SER A 62 30.74 16.71 -23.53
C SER A 62 31.01 15.30 -24.00
N ALA A 63 30.44 14.30 -23.32
CA ALA A 63 30.63 12.88 -23.72
C ALA A 63 29.52 12.34 -24.59
N ALA A 64 28.35 12.96 -24.60
CA ALA A 64 27.31 12.45 -25.48
C ALA A 64 26.54 13.52 -26.19
N ARG A 65 26.02 13.19 -27.37
CA ARG A 65 25.26 14.11 -28.18
C ARG A 65 23.85 14.35 -27.72
N ARG A 66 23.21 13.39 -27.06
CA ARG A 66 21.85 13.64 -26.61
C ARG A 66 21.79 13.39 -25.12
N VAL A 67 21.48 14.44 -24.37
CA VAL A 67 21.49 14.42 -22.92
C VAL A 67 20.21 14.98 -22.34
N ILE A 68 19.64 14.26 -21.39
CA ILE A 68 18.52 14.86 -20.65
C ILE A 68 19.07 14.97 -19.26
N VAL A 69 18.79 16.09 -18.56
CA VAL A 69 19.34 16.25 -17.25
C VAL A 69 18.21 16.29 -16.29
N GLN A 70 18.32 15.48 -15.24
CA GLN A 70 17.28 15.38 -14.25
C GLN A 70 17.67 16.40 -13.21
N VAL A 71 16.73 17.26 -12.83
CA VAL A 71 17.07 18.48 -12.13
C VAL A 71 16.41 18.65 -10.76
N ALA A 72 15.65 17.68 -10.27
CA ALA A 72 14.88 17.91 -9.07
C ALA A 72 15.76 18.26 -7.90
N SER A 73 15.22 19.08 -7.00
CA SER A 73 15.88 19.39 -5.74
C SER A 73 14.77 19.83 -4.83
N LEU A 74 14.90 19.56 -3.53
CA LEU A 74 13.90 20.04 -2.58
C LEU A 74 14.10 21.51 -2.25
N ASN A 75 15.11 22.13 -2.86
CA ASN A 75 15.07 23.59 -3.05
C ASN A 75 14.80 23.93 -4.52
N ALA A 76 13.60 24.40 -4.82
CA ALA A 76 13.14 24.57 -6.21
C ALA A 76 13.96 25.55 -7.03
N ASP A 77 14.57 26.55 -6.39
CA ASP A 77 15.49 27.47 -7.09
C ASP A 77 16.66 26.75 -7.69
N GLU A 78 17.11 25.69 -7.05
CA GLU A 78 18.23 24.89 -7.61
C GLU A 78 17.78 24.09 -8.83
N ALA A 79 16.51 23.66 -8.83
CA ALA A 79 15.97 22.92 -9.96
C ALA A 79 15.92 23.86 -11.18
N ILE A 80 15.41 25.04 -10.98
CA ILE A 80 15.40 26.10 -11.99
C ILE A 80 16.80 26.47 -12.45
N ALA A 81 17.67 26.79 -11.48
CA ALA A 81 19.09 27.08 -11.77
C ALA A 81 19.68 25.96 -12.63
N LEU A 82 19.50 24.71 -12.23
CA LEU A 82 20.18 23.62 -12.96
C LEU A 82 19.57 23.43 -14.36
N ALA A 83 18.28 23.64 -14.45
CA ALA A 83 17.55 23.52 -15.72
C ALA A 83 18.19 24.43 -16.73
N LYS A 84 18.34 25.68 -16.33
CA LYS A 84 19.00 26.69 -17.16
C LYS A 84 20.44 26.34 -17.48
N TYR A 85 21.19 25.91 -16.49
CA TYR A 85 22.53 25.45 -16.77
C TYR A 85 22.57 24.35 -17.82
N ALA A 86 21.74 23.30 -17.65
CA ALA A 86 21.69 22.17 -18.57
C ALA A 86 21.30 22.67 -19.94
N GLU A 87 20.30 23.52 -20.01
CA GLU A 87 19.94 24.04 -21.33
C GLU A 87 21.14 24.73 -21.99
N SER A 88 21.94 25.46 -21.21
CA SER A 88 23.04 26.18 -21.80
C SER A 88 24.14 25.24 -22.18
N ARG A 89 24.16 24.03 -21.62
CA ARG A 89 25.19 23.09 -22.02
C ARG A 89 24.76 22.21 -23.18
N GLY A 90 23.58 22.49 -23.73
CA GLY A 90 23.16 21.78 -24.94
C GLY A 90 22.31 20.53 -24.68
N ALA A 91 21.83 20.35 -23.45
CA ALA A 91 20.97 19.22 -23.12
C ALA A 91 19.74 19.31 -24.02
N GLU A 92 19.18 18.20 -24.49
CA GLU A 92 18.06 18.31 -25.37
C GLU A 92 16.77 18.44 -24.60
N ALA A 93 16.81 18.13 -23.31
CA ALA A 93 15.67 18.30 -22.41
C ALA A 93 16.13 18.27 -20.98
N VAL A 94 15.28 18.73 -20.07
CA VAL A 94 15.47 18.56 -18.63
C VAL A 94 14.30 17.72 -18.11
N ALA A 95 14.49 17.01 -17.01
CA ALA A 95 13.42 16.19 -16.48
C ALA A 95 13.40 16.50 -15.04
N SER A 96 12.30 16.22 -14.38
CA SER A 96 12.29 16.36 -12.93
C SER A 96 11.33 15.37 -12.29
N LEU A 97 11.76 14.75 -11.21
CA LEU A 97 10.89 14.15 -10.28
C LEU A 97 9.95 15.23 -9.80
N PRO A 98 8.73 14.83 -9.40
CA PRO A 98 7.89 15.72 -8.63
C PRO A 98 8.61 15.94 -7.30
N PRO A 99 8.26 17.02 -6.59
CA PRO A 99 8.76 17.21 -5.24
C PRO A 99 8.58 15.90 -4.50
N TYR A 100 9.65 15.40 -3.91
CA TYR A 100 9.58 14.14 -3.17
C TYR A 100 9.72 14.32 -1.64
N TYR A 101 9.78 13.21 -0.93
CA TYR A 101 9.94 13.16 0.51
C TYR A 101 8.69 13.64 1.26
N PHE A 102 8.32 14.91 1.08
CA PHE A 102 7.26 15.50 1.94
C PHE A 102 5.91 14.92 1.62
N PRO A 103 5.28 14.27 2.58
CA PRO A 103 3.93 13.79 2.24
C PRO A 103 2.88 14.89 2.07
N ARG A 104 1.95 14.62 1.19
CA ARG A 104 0.83 15.50 0.95
C ARG A 104 1.12 17.01 0.78
N LEU A 105 2.12 17.33 -0.03
CA LEU A 105 2.17 18.64 -0.65
C LEU A 105 0.82 18.79 -1.38
N SER A 106 0.42 19.98 -1.77
CA SER A 106 -0.83 20.16 -2.46
C SER A 106 -0.62 20.09 -3.95
N GLU A 107 -1.71 19.94 -4.68
CA GLU A 107 -1.64 19.89 -6.13
C GLU A 107 -1.14 21.20 -6.65
N ARG A 108 -1.57 22.28 -6.02
CA ARG A 108 -1.13 23.60 -6.43
C ARG A 108 0.39 23.73 -6.28
N GLN A 109 0.96 23.16 -5.23
CA GLN A 109 2.40 23.26 -5.06
C GLN A 109 3.19 22.42 -6.12
N ILE A 110 2.69 21.23 -6.44
CA ILE A 110 3.34 20.41 -7.47
C ILE A 110 3.26 21.12 -8.80
N ALA A 111 2.11 21.71 -9.08
CA ALA A 111 1.85 22.35 -10.35
C ALA A 111 2.77 23.55 -10.48
N LYS A 112 2.93 24.33 -9.41
CA LYS A 112 3.79 25.49 -9.50
C LYS A 112 5.22 25.03 -9.75
N TYR A 113 5.60 23.98 -9.05
CA TYR A 113 6.94 23.48 -9.31
C TYR A 113 7.18 23.25 -10.79
N PHE A 114 6.35 22.44 -11.45
CA PHE A 114 6.64 22.07 -12.83
C PHE A 114 6.44 23.29 -13.71
N ARG A 115 5.46 24.12 -13.39
CA ARG A 115 5.27 25.29 -14.21
C ARG A 115 6.43 26.30 -14.13
N ASP A 116 7.03 26.47 -12.95
CA ASP A 116 8.20 27.30 -12.89
C ASP A 116 9.30 26.67 -13.74
N LEU A 117 9.34 25.35 -13.78
CA LEU A 117 10.41 24.69 -14.51
C LEU A 117 10.19 24.99 -15.97
N CYS A 118 8.95 24.87 -16.44
CA CYS A 118 8.71 25.12 -17.88
C CYS A 118 9.02 26.56 -18.27
N SER A 119 8.73 27.52 -17.39
CA SER A 119 9.00 28.94 -17.65
C SER A 119 10.46 29.23 -17.77
N ALA A 120 11.27 28.47 -17.05
CA ALA A 120 12.71 28.71 -16.96
C ALA A 120 13.48 28.32 -18.19
N VAL A 121 12.97 27.40 -18.99
CA VAL A 121 13.69 26.97 -20.19
C VAL A 121 12.81 26.90 -21.45
N SER A 122 13.47 26.92 -22.60
CA SER A 122 12.81 26.71 -23.90
C SER A 122 12.90 25.25 -24.33
N ILE A 123 13.88 24.51 -23.83
CA ILE A 123 13.91 23.07 -24.18
C ILE A 123 12.78 22.32 -23.48
N PRO A 124 12.38 21.15 -24.00
CA PRO A 124 11.28 20.40 -23.33
C PRO A 124 11.57 20.02 -21.88
N VAL A 125 10.56 20.13 -21.03
CA VAL A 125 10.58 19.60 -19.70
C VAL A 125 9.84 18.25 -19.65
N PHE A 126 10.50 17.20 -19.13
CA PHE A 126 9.89 15.89 -18.94
C PHE A 126 9.48 15.73 -17.51
N LEU A 127 8.33 15.08 -17.30
CA LEU A 127 7.92 14.67 -15.99
C LEU A 127 8.67 13.37 -15.76
N TYR A 128 9.34 13.23 -14.61
CA TYR A 128 9.99 11.93 -14.29
C TYR A 128 9.17 11.38 -13.16
N ASN A 129 8.24 10.51 -13.50
CA ASN A 129 7.29 10.00 -12.53
C ASN A 129 7.83 8.70 -11.94
N TYR A 130 7.83 8.62 -10.61
CA TYR A 130 8.41 7.45 -9.98
C TYR A 130 7.77 7.20 -8.63
N PRO A 131 6.51 6.75 -8.61
CA PRO A 131 5.70 6.79 -7.38
C PRO A 131 6.28 6.07 -6.19
N ALA A 132 7.00 4.97 -6.42
CA ALA A 132 7.57 4.19 -5.33
C ALA A 132 8.67 4.94 -4.58
N ALA A 133 9.47 5.73 -5.32
CA ALA A 133 10.55 6.50 -4.76
C ALA A 133 10.01 7.82 -4.31
N VAL A 134 9.16 8.45 -5.13
CA VAL A 134 8.74 9.83 -4.85
C VAL A 134 7.69 9.97 -3.74
N GLY A 135 6.87 8.94 -3.60
CA GLY A 135 5.78 8.95 -2.64
C GLY A 135 4.53 9.60 -3.17
N ARG A 136 4.55 10.00 -4.44
CA ARG A 136 3.33 10.47 -5.12
C ARG A 136 3.40 10.17 -6.59
N ASP A 137 2.24 10.15 -7.18
CA ASP A 137 2.07 9.85 -8.61
C ASP A 137 1.59 11.12 -9.27
N VAL A 138 2.17 11.47 -10.42
CA VAL A 138 1.61 12.51 -11.27
C VAL A 138 1.18 11.75 -12.54
N ASP A 139 -0.08 11.27 -12.56
CA ASP A 139 -0.57 10.44 -13.67
C ASP A 139 -0.82 11.24 -14.93
N ALA A 140 -1.22 10.53 -16.00
CA ALA A 140 -1.42 11.19 -17.27
C ALA A 140 -2.39 12.39 -17.13
N ARG A 141 -3.51 12.22 -16.46
CA ARG A 141 -4.43 13.34 -16.35
C ARG A 141 -3.70 14.51 -15.68
N ALA A 142 -3.07 14.31 -14.51
CA ALA A 142 -2.33 15.40 -13.87
C ALA A 142 -1.23 15.98 -14.73
N ALA A 143 -0.46 15.13 -15.41
CA ALA A 143 0.56 15.66 -16.29
C ALA A 143 -0.04 16.54 -17.39
N LYS A 144 -1.21 16.18 -17.91
CA LYS A 144 -1.83 17.02 -18.96
C LYS A 144 -2.22 18.40 -18.38
N GLU A 145 -2.78 18.40 -17.17
CA GLU A 145 -3.22 19.63 -16.50
C GLU A 145 -2.04 20.56 -16.24
N LEU A 146 -0.83 20.03 -16.00
CA LEU A 146 0.32 20.90 -15.82
C LEU A 146 0.41 21.84 -17.03
N GLY A 147 0.08 21.31 -18.21
CA GLY A 147 0.00 22.13 -19.40
C GLY A 147 1.34 22.47 -20.05
N CYS A 148 2.42 21.78 -19.73
CA CYS A 148 3.68 22.11 -20.40
C CYS A 148 4.63 20.94 -20.53
N ILE A 149 4.17 19.77 -20.10
CA ILE A 149 5.01 18.60 -20.12
C ILE A 149 5.16 18.12 -21.54
N ARG A 150 6.39 17.92 -21.98
CA ARG A 150 6.57 17.47 -23.34
C ARG A 150 7.23 16.11 -23.40
N GLY A 151 7.34 15.44 -22.25
CA GLY A 151 8.02 14.15 -22.22
C GLY A 151 7.73 13.52 -20.87
N VAL A 152 7.74 12.18 -20.80
CA VAL A 152 7.50 11.47 -19.51
C VAL A 152 8.45 10.32 -19.40
N LYS A 153 9.11 10.21 -18.26
CA LYS A 153 9.69 8.94 -17.89
C LYS A 153 8.87 8.47 -16.76
N ASP A 154 8.23 7.29 -16.92
CA ASP A 154 7.34 6.73 -15.88
C ASP A 154 8.01 5.48 -15.37
N THR A 155 8.54 5.57 -14.16
CA THR A 155 9.15 4.39 -13.58
C THR A 155 8.09 3.71 -12.79
N ASN A 156 7.44 2.76 -13.46
CA ASN A 156 6.15 2.26 -13.01
C ASN A 156 5.99 0.85 -13.53
N GLU A 157 5.45 -0.04 -12.67
CA GLU A 157 5.28 -1.44 -13.06
C GLU A 157 3.98 -1.57 -13.87
N SER A 158 3.18 -0.54 -13.77
CA SER A 158 1.97 -0.47 -14.53
C SER A 158 2.20 0.13 -15.94
N LEU A 159 2.46 -0.74 -16.90
CA LEU A 159 2.52 -0.33 -18.30
C LEU A 159 1.25 0.41 -18.73
N ALA A 160 0.06 0.01 -18.28
CA ALA A 160 -1.11 0.84 -18.60
C ALA A 160 -0.92 2.32 -18.13
N HIS A 161 -0.22 2.51 -17.02
CA HIS A 161 -0.10 3.84 -16.38
C HIS A 161 0.77 4.66 -17.29
N THR A 162 1.80 4.01 -17.82
CA THR A 162 2.68 4.64 -18.73
C THR A 162 2.01 4.90 -20.09
N LEU A 163 1.23 3.94 -20.60
CA LEU A 163 0.59 4.13 -21.88
C LEU A 163 -0.37 5.28 -21.76
N ALA A 164 -1.00 5.45 -20.61
CA ALA A 164 -1.94 6.55 -20.46
C ALA A 164 -1.39 7.95 -20.81
N TYR A 165 -0.09 8.18 -20.58
CA TYR A 165 0.51 9.46 -21.03
C TYR A 165 0.46 9.65 -22.54
N LYS A 166 0.71 8.60 -23.34
CA LYS A 166 0.52 8.76 -24.80
C LYS A 166 -0.94 9.10 -25.06
N ARG A 167 -1.84 8.61 -24.23
CA ARG A 167 -3.24 8.93 -24.47
C ARG A 167 -3.53 10.38 -24.21
N TYR A 168 -3.11 10.90 -23.07
CA TYR A 168 -3.39 12.29 -22.72
C TYR A 168 -2.42 13.28 -23.31
N LEU A 169 -1.23 12.84 -23.68
CA LEU A 169 -0.21 13.76 -24.18
C LEU A 169 0.33 13.16 -25.45
N PRO A 170 -0.51 13.19 -26.51
CA PRO A 170 -0.20 12.51 -27.77
C PRO A 170 1.10 13.01 -28.40
N GLN A 171 1.52 14.24 -28.08
CA GLN A 171 2.75 14.79 -28.61
C GLN A 171 3.99 14.56 -27.74
N ALA A 172 3.81 14.22 -26.46
CA ALA A 172 4.94 14.01 -25.53
C ALA A 172 5.78 12.79 -25.93
N ARG A 173 7.10 12.81 -25.73
CA ARG A 173 7.88 11.56 -25.79
C ARG A 173 7.67 10.77 -24.47
N VAL A 174 7.15 9.54 -24.56
CA VAL A 174 6.82 8.75 -23.37
C VAL A 174 7.71 7.51 -23.24
N TYR A 175 8.31 7.35 -22.06
CA TYR A 175 9.27 6.29 -21.82
C TYR A 175 8.87 5.55 -20.59
N ASN A 176 9.13 4.27 -20.57
CA ASN A 176 8.96 3.54 -19.35
C ASN A 176 10.29 3.34 -18.67
N GLY A 177 10.31 3.53 -17.37
CA GLY A 177 11.63 3.52 -16.70
C GLY A 177 11.94 2.22 -15.99
N SER A 178 11.18 1.18 -16.29
CA SER A 178 11.37 -0.05 -15.52
C SER A 178 12.14 -1.12 -16.31
N ASP A 179 13.23 -1.64 -15.76
CA ASP A 179 13.98 -2.71 -16.47
C ASP A 179 13.13 -3.96 -16.86
N SER A 180 12.08 -4.22 -16.11
CA SER A 180 11.37 -5.45 -16.32
C SER A 180 10.37 -5.26 -17.45
N LEU A 181 10.17 -4.03 -17.92
CA LEU A 181 9.21 -3.72 -18.99
C LEU A 181 9.91 -3.33 -20.30
N VAL A 182 11.19 -3.63 -20.48
CA VAL A 182 11.85 -3.17 -21.70
C VAL A 182 11.26 -3.78 -22.96
N PHE A 183 10.99 -5.07 -22.89
CA PHE A 183 10.45 -5.86 -24.01
C PHE A 183 9.10 -5.30 -24.25
N ALA A 184 8.30 -5.18 -23.20
CA ALA A 184 6.93 -4.76 -23.36
C ALA A 184 6.82 -3.36 -23.94
N SER A 185 7.74 -2.49 -23.55
CA SER A 185 7.71 -1.08 -23.95
C SER A 185 7.99 -0.97 -25.46
N PHE A 186 8.94 -1.72 -25.98
CA PHE A 186 9.12 -1.69 -27.38
C PHE A 186 7.88 -2.28 -28.07
N ALA A 187 7.24 -3.29 -27.45
CA ALA A 187 6.16 -4.04 -28.08
C ALA A 187 4.94 -3.20 -28.29
N VAL A 188 4.65 -2.41 -27.28
CA VAL A 188 3.55 -1.47 -27.38
C VAL A 188 3.93 -0.14 -27.99
N ARG A 189 5.18 -0.02 -28.42
CA ARG A 189 5.71 1.19 -29.09
C ARG A 189 5.58 2.47 -28.27
N LEU A 190 6.11 2.43 -27.06
CA LEU A 190 6.38 3.65 -26.34
C LEU A 190 7.53 4.26 -27.12
N ASP A 191 7.85 5.51 -26.81
CA ASP A 191 8.99 6.18 -27.46
C ASP A 191 10.33 5.59 -27.10
N GLY A 192 10.42 4.90 -25.97
CA GLY A 192 11.70 4.30 -25.66
C GLY A 192 11.69 3.74 -24.27
N VAL A 193 12.85 3.34 -23.80
CA VAL A 193 12.95 2.93 -22.43
C VAL A 193 14.07 3.70 -21.79
N VAL A 194 13.90 4.05 -20.50
CA VAL A 194 15.02 4.50 -19.68
C VAL A 194 15.32 3.37 -18.67
N ALA A 195 16.34 2.57 -18.91
CA ALA A 195 16.50 1.39 -18.13
C ALA A 195 17.85 1.40 -17.51
N SER A 196 17.93 1.04 -16.24
CA SER A 196 19.20 1.13 -15.59
C SER A 196 20.23 0.17 -16.16
N SER A 197 19.76 -0.95 -16.70
CA SER A 197 20.63 -1.91 -17.34
C SER A 197 21.27 -1.37 -18.59
N ALA A 198 20.85 -0.18 -19.02
CA ALA A 198 21.56 0.39 -20.14
C ALA A 198 22.99 0.69 -19.71
N ASN A 199 23.27 0.76 -18.43
CA ASN A 199 24.66 0.95 -18.00
C ASN A 199 25.51 -0.28 -18.16
N TYR A 200 24.96 -1.46 -17.88
CA TYR A 200 25.82 -2.61 -17.85
C TYR A 200 25.58 -3.55 -19.01
N LEU A 201 24.39 -3.49 -19.60
CA LEU A 201 24.10 -4.38 -20.71
C LEU A 201 23.35 -3.71 -21.83
N PRO A 202 23.88 -2.58 -22.34
CA PRO A 202 23.11 -1.89 -23.37
C PRO A 202 22.90 -2.75 -24.61
N GLU A 203 23.86 -3.61 -24.94
CA GLU A 203 23.75 -4.47 -26.10
C GLU A 203 22.64 -5.54 -25.89
N LEU A 204 22.30 -5.87 -24.64
CA LEU A 204 21.16 -6.77 -24.45
C LEU A 204 19.91 -6.00 -24.78
N LEU A 205 19.86 -4.71 -24.39
CA LEU A 205 18.65 -3.91 -24.64
C LEU A 205 18.44 -3.69 -26.12
N ALA A 206 19.54 -3.41 -26.83
CA ALA A 206 19.46 -3.22 -28.29
C ALA A 206 19.06 -4.56 -28.89
N GLY A 207 19.55 -5.64 -28.32
CA GLY A 207 19.15 -7.02 -28.76
C GLY A 207 17.65 -7.24 -28.69
N ILE A 208 17.04 -6.73 -27.62
CA ILE A 208 15.64 -6.81 -27.43
C ILE A 208 14.91 -5.92 -28.40
N ARG A 209 15.37 -4.68 -28.56
CA ARG A 209 14.69 -3.75 -29.47
C ARG A 209 14.76 -4.35 -30.89
N ASP A 210 15.93 -4.90 -31.26
CA ASP A 210 16.10 -5.51 -32.57
C ASP A 210 15.10 -6.64 -32.74
N ALA A 211 14.95 -7.46 -31.70
CA ALA A 211 14.10 -8.62 -31.78
C ALA A 211 12.70 -8.16 -31.95
N VAL A 212 12.28 -7.17 -31.19
CA VAL A 212 10.92 -6.77 -31.29
C VAL A 212 10.66 -6.23 -32.70
N ALA A 213 11.61 -5.47 -33.26
CA ALA A 213 11.46 -4.89 -34.60
C ALA A 213 11.37 -5.99 -35.66
N ALA A 214 12.11 -7.08 -35.50
CA ALA A 214 12.07 -8.22 -36.40
C ALA A 214 10.81 -9.06 -36.25
N GLY A 215 9.97 -8.76 -35.27
CA GLY A 215 8.82 -9.59 -34.95
C GLY A 215 9.18 -10.85 -34.15
N ASP A 216 10.42 -10.94 -33.66
CA ASP A 216 10.90 -12.10 -32.92
C ASP A 216 10.59 -11.94 -31.44
N ILE A 217 9.33 -12.08 -31.08
CA ILE A 217 8.91 -11.91 -29.70
C ILE A 217 9.51 -12.97 -28.78
N GLU A 218 9.72 -14.17 -29.27
CA GLU A 218 10.35 -15.17 -28.46
C GLU A 218 11.77 -14.78 -28.05
N ARG A 219 12.55 -14.26 -28.98
CA ARG A 219 13.89 -13.79 -28.63
C ARG A 219 13.83 -12.58 -27.68
N ALA A 220 12.98 -11.60 -27.97
CA ALA A 220 12.81 -10.42 -27.10
C ALA A 220 12.55 -10.85 -25.66
N ARG A 221 11.55 -11.71 -25.49
CA ARG A 221 11.10 -12.16 -24.20
C ARG A 221 12.17 -12.94 -23.49
N SER A 222 12.83 -13.82 -24.22
CA SER A 222 13.86 -14.59 -23.64
C SER A 222 15.04 -13.70 -23.15
N LEU A 223 15.37 -12.65 -23.90
CA LEU A 223 16.47 -11.76 -23.50
C LEU A 223 15.97 -10.95 -22.29
N GLN A 224 14.72 -10.51 -22.31
CA GLN A 224 14.12 -9.89 -21.14
C GLN A 224 14.27 -10.74 -19.90
N PHE A 225 14.04 -12.06 -20.03
CA PHE A 225 14.00 -12.92 -18.84
C PHE A 225 15.40 -13.08 -18.28
N LEU A 226 16.38 -13.14 -19.18
CA LEU A 226 17.78 -13.11 -18.79
C LEU A 226 18.12 -11.85 -17.99
N LEU A 227 17.69 -10.71 -18.52
CA LEU A 227 17.90 -9.43 -17.87
C LEU A 227 17.25 -9.46 -16.48
N ASP A 228 16.03 -9.99 -16.39
CA ASP A 228 15.31 -10.07 -15.12
C ASP A 228 16.12 -10.86 -14.08
N GLU A 229 16.74 -11.97 -14.49
CA GLU A 229 17.50 -12.82 -13.59
C GLU A 229 18.64 -12.00 -13.04
N ILE A 230 19.27 -11.23 -13.91
CA ILE A 230 20.42 -10.40 -13.52
C ILE A 230 19.97 -9.30 -12.57
N VAL A 231 18.89 -8.62 -12.93
CA VAL A 231 18.35 -7.63 -12.04
C VAL A 231 18.04 -8.21 -10.66
N GLU A 232 17.37 -9.36 -10.64
CA GLU A 232 17.00 -10.02 -9.42
C GLU A 232 18.16 -10.29 -8.48
N SER A 233 19.23 -10.88 -9.00
CA SER A 233 20.49 -11.01 -8.29
C SER A 233 20.96 -9.69 -7.70
N ALA A 234 21.02 -8.64 -8.54
CA ALA A 234 21.52 -7.36 -8.08
C ALA A 234 20.61 -6.77 -7.01
N ARG A 235 19.31 -6.99 -7.10
CA ARG A 235 18.37 -6.43 -6.11
C ARG A 235 18.61 -7.05 -4.75
N HIS A 236 19.14 -8.25 -4.79
CA HIS A 236 19.28 -9.00 -3.61
C HIS A 236 20.34 -8.36 -2.70
N ILE A 237 21.43 -7.84 -3.27
CA ILE A 237 22.50 -7.26 -2.44
C ILE A 237 22.46 -5.75 -2.38
N GLY A 238 21.42 -5.14 -2.97
CA GLY A 238 21.26 -3.67 -2.96
C GLY A 238 21.50 -3.09 -4.33
N TYR A 239 20.43 -2.79 -5.07
CA TYR A 239 20.53 -2.62 -6.51
C TYR A 239 21.38 -1.36 -6.91
N ALA A 240 21.07 -0.23 -6.29
CA ALA A 240 21.77 1.06 -6.58
C ALA A 240 23.27 0.92 -6.51
N ALA A 241 23.80 0.18 -5.54
CA ALA A 241 25.25 0.01 -5.49
C ALA A 241 25.69 -1.10 -6.43
N ALA A 242 24.80 -2.00 -6.82
CA ALA A 242 25.19 -3.19 -7.62
C ALA A 242 25.36 -2.83 -9.08
N VAL A 243 24.61 -1.84 -9.52
CA VAL A 243 24.77 -1.31 -10.88
C VAL A 243 26.23 -1.09 -11.22
N TYR A 244 26.97 -0.52 -10.28
CA TYR A 244 28.40 -0.23 -10.53
C TYR A 244 29.13 -1.53 -10.79
N GLU A 245 28.94 -2.52 -9.92
CA GLU A 245 29.58 -3.81 -10.08
C GLU A 245 29.21 -4.56 -11.35
N LEU A 246 27.94 -4.52 -11.76
CA LEU A 246 27.49 -5.05 -13.04
C LEU A 246 28.16 -4.40 -14.24
N VAL A 247 28.36 -3.10 -14.18
CA VAL A 247 29.13 -2.42 -15.19
C VAL A 247 30.50 -3.03 -15.33
N GLU A 248 31.21 -3.23 -14.22
CA GLU A 248 32.52 -3.82 -14.30
C GLU A 248 32.46 -5.23 -14.83
N ILE A 249 31.53 -6.04 -14.29
CA ILE A 249 31.39 -7.41 -14.78
C ILE A 249 31.09 -7.49 -16.25
N PHE A 250 30.13 -6.70 -16.73
CA PHE A 250 29.69 -6.88 -18.09
C PHE A 250 30.48 -6.06 -19.13
N GLN A 251 31.10 -4.97 -18.70
CA GLN A 251 31.65 -4.02 -19.66
C GLN A 251 33.14 -3.97 -19.52
N GLY A 252 33.64 -4.39 -18.36
CA GLY A 252 35.04 -4.68 -18.21
C GLY A 252 35.95 -3.52 -17.85
N TYR A 253 35.39 -2.46 -17.29
CA TYR A 253 36.21 -1.35 -16.85
C TYR A 253 35.74 -0.92 -15.49
N GLU A 254 36.60 -0.14 -14.84
CA GLU A 254 36.31 0.46 -13.56
C GLU A 254 35.17 1.47 -13.67
N ALA A 255 34.19 1.30 -12.79
CA ALA A 255 32.95 2.06 -12.86
C ALA A 255 32.80 3.04 -11.73
N GLY A 256 33.81 3.14 -10.85
CA GLY A 256 33.67 3.99 -9.70
C GLY A 256 32.68 3.41 -8.68
N GLU A 257 32.13 4.26 -7.82
CA GLU A 257 31.46 3.83 -6.61
C GLU A 257 30.36 4.81 -6.38
N PRO A 258 29.29 4.40 -5.69
CA PRO A 258 28.31 5.38 -5.26
C PRO A 258 28.81 6.02 -3.98
N ARG A 259 27.96 6.69 -3.24
CA ARG A 259 28.39 7.35 -2.04
C ARG A 259 27.27 7.17 -1.06
N GLY A 260 27.62 7.02 0.21
CA GLY A 260 26.67 6.69 1.17
C GLY A 260 25.69 7.75 1.56
N PRO A 261 24.40 7.41 1.65
CA PRO A 261 23.96 6.22 2.38
C PRO A 261 23.88 5.05 1.33
N VAL A 262 24.14 5.32 0.06
CA VAL A 262 24.22 4.27 -0.93
C VAL A 262 25.65 3.80 -0.97
N TYR A 263 26.11 3.14 0.08
CA TYR A 263 27.48 2.67 0.15
C TYR A 263 27.85 1.66 -0.92
N PRO A 264 29.09 1.73 -1.42
CA PRO A 264 29.60 0.73 -2.35
C PRO A 264 29.46 -0.69 -1.84
N LEU A 265 29.34 -1.64 -2.76
CA LEU A 265 29.34 -3.04 -2.32
C LEU A 265 30.67 -3.25 -1.66
N ASP A 266 30.70 -4.14 -0.68
CA ASP A 266 31.96 -4.55 -0.16
C ASP A 266 32.49 -5.73 -1.01
N PRO A 267 33.72 -6.16 -0.77
CA PRO A 267 34.26 -7.19 -1.67
C PRO A 267 33.54 -8.55 -1.64
N GLU A 268 32.95 -8.90 -0.49
CA GLU A 268 32.12 -10.12 -0.33
C GLU A 268 30.89 -10.04 -1.21
N GLU A 269 30.18 -8.90 -1.15
CA GLU A 269 29.00 -8.64 -1.96
C GLU A 269 29.32 -8.64 -3.46
N LYS A 270 30.45 -8.06 -3.83
CA LYS A 270 30.90 -8.06 -5.20
C LYS A 270 31.22 -9.47 -5.70
N ALA A 271 31.91 -10.26 -4.88
CA ALA A 271 32.23 -11.68 -5.23
C ALA A 271 30.91 -12.43 -5.39
N TRP A 272 29.97 -12.17 -4.50
CA TRP A 272 28.70 -12.89 -4.56
C TRP A 272 28.03 -12.53 -5.86
N LEU A 273 28.05 -11.24 -6.21
CA LEU A 273 27.27 -10.81 -7.37
C LEU A 273 27.84 -11.39 -8.65
N ARG A 274 29.15 -11.52 -8.66
CA ARG A 274 29.89 -11.97 -9.82
C ARG A 274 29.51 -13.41 -10.12
N ALA A 275 29.49 -14.25 -9.06
CA ALA A 275 29.04 -15.61 -9.14
C ALA A 275 27.59 -15.65 -9.50
N ALA A 276 26.78 -14.81 -8.88
CA ALA A 276 25.33 -14.85 -9.16
C ALA A 276 24.99 -14.61 -10.60
N VAL A 277 25.78 -13.78 -11.29
CA VAL A 277 25.41 -13.48 -12.67
C VAL A 277 26.16 -14.34 -13.69
N ALA A 278 27.22 -15.02 -13.29
CA ALA A 278 27.88 -15.99 -14.18
C ALA A 278 26.91 -17.07 -14.67
N LYS A 279 26.05 -17.57 -13.78
CA LYS A 279 24.93 -18.36 -14.28
C LYS A 279 23.95 -17.44 -15.00
N ALA A 280 24.16 -17.33 -16.33
CA ALA A 280 23.40 -16.38 -17.13
C ALA A 280 24.27 -15.37 -17.89
N LYS A 281 25.58 -15.54 -17.89
CA LYS A 281 26.42 -14.61 -18.66
C LYS A 281 27.23 -15.38 -19.73
N SER A 282 27.26 -16.71 -19.58
CA SER A 282 27.64 -17.61 -20.67
C SER A 282 26.43 -17.80 -21.58
N GLN A 283 25.22 -17.75 -20.99
CA GLN A 283 23.93 -17.71 -21.73
C GLN A 283 23.81 -16.41 -22.53
N LEU A 284 24.84 -15.57 -22.45
CA LEU A 284 24.83 -14.21 -22.98
C LEU A 284 25.85 -14.10 -24.13
N ARG A 285 27.07 -13.66 -23.81
CA ARG A 285 28.10 -13.31 -24.80
C ARG A 285 27.55 -12.57 -26.05
N LEU A 286 27.06 -11.34 -25.85
CA LEU A 286 26.61 -10.44 -26.94
C LEU A 286 27.64 -9.33 -27.15
N MET B 1 6.80 13.57 31.10
CA MET B 1 6.64 13.27 29.64
C MET B 1 6.79 14.54 28.83
N GLU B 2 7.49 14.46 27.71
CA GLU B 2 7.88 15.69 27.07
C GLU B 2 7.02 16.10 25.90
N ILE B 3 6.88 17.43 25.74
CA ILE B 3 6.40 18.05 24.50
C ILE B 3 7.60 18.52 23.71
N VAL B 4 7.87 17.85 22.56
CA VAL B 4 8.97 18.18 21.70
C VAL B 4 8.37 18.86 20.45
N ALA B 5 8.91 20.04 20.06
CA ALA B 5 8.38 20.73 18.87
C ALA B 5 9.31 20.46 17.74
N PRO B 6 8.79 19.92 16.60
CA PRO B 6 9.58 19.81 15.43
C PRO B 6 9.38 21.16 14.77
N VAL B 7 10.33 22.06 14.97
CA VAL B 7 10.04 23.49 14.85
C VAL B 7 10.12 23.88 13.37
N ILE B 8 9.24 24.77 12.91
CA ILE B 8 9.31 25.23 11.54
C ILE B 8 10.60 25.98 11.31
N THR B 9 11.10 25.90 10.09
CA THR B 9 12.19 26.70 9.63
C THR B 9 11.61 27.92 8.93
N THR B 10 12.05 29.10 9.37
CA THR B 10 11.37 30.33 9.01
C THR B 10 12.18 31.08 7.97
N PHE B 11 11.67 31.12 6.73
CA PHE B 11 12.34 31.76 5.65
C PHE B 11 11.68 33.10 5.39
N ARG B 12 12.44 33.99 4.78
CA ARG B 12 11.99 35.25 4.23
C ARG B 12 12.67 35.43 2.90
N GLY B 13 11.86 35.37 1.85
CA GLY B 13 12.35 35.53 0.50
C GLY B 13 13.29 34.40 0.19
N GLY B 14 12.96 33.21 0.66
CA GLY B 14 13.76 32.01 0.39
C GLY B 14 15.11 31.94 1.10
N ARG B 15 15.40 32.92 1.94
CA ARG B 15 16.60 32.87 2.78
C ARG B 15 16.19 32.63 4.21
N LEU B 16 17.01 31.90 4.91
CA LEU B 16 16.77 31.66 6.32
C LEU B 16 16.73 32.95 7.16
N ASP B 17 15.76 33.05 8.05
CA ASP B 17 15.61 34.19 8.96
C ASP B 17 15.67 33.71 10.39
N PRO B 18 16.86 33.77 11.00
CA PRO B 18 17.11 33.38 12.40
C PRO B 18 16.33 34.17 13.44
N GLU B 19 16.01 35.42 13.20
CA GLU B 19 15.24 36.17 14.19
C GLU B 19 13.78 35.72 14.31
N LEU B 20 13.13 35.44 13.19
CA LEU B 20 11.79 34.94 13.24
C LEU B 20 11.91 33.63 13.97
N PHE B 21 12.93 32.85 13.63
CA PHE B 21 13.07 31.53 14.19
C PHE B 21 13.18 31.58 15.72
N ALA B 22 14.14 32.37 16.18
CA ALA B 22 14.40 32.53 17.59
C ALA B 22 13.19 33.02 18.35
N ASN B 23 12.42 33.94 17.76
CA ASN B 23 11.23 34.47 18.47
C ASN B 23 10.19 33.37 18.64
N HIS B 24 10.11 32.51 17.65
CA HIS B 24 9.10 31.45 17.60
C HIS B 24 9.50 30.42 18.61
N VAL B 25 10.78 30.07 18.57
CA VAL B 25 11.31 29.12 19.55
C VAL B 25 11.14 29.60 20.98
N LYS B 26 11.50 30.86 21.26
CA LYS B 26 11.39 31.35 22.63
C LYS B 26 9.93 31.33 23.05
N ASN B 27 9.04 31.71 22.14
CA ASN B 27 7.64 31.73 22.50
C ASN B 27 7.09 30.36 22.78
N ILE B 28 7.25 29.41 21.85
CA ILE B 28 6.69 28.09 22.14
C ILE B 28 7.35 27.38 23.31
N THR B 29 8.65 27.56 23.51
CA THR B 29 9.23 26.97 24.71
C THR B 29 8.71 27.62 26.03
N SER B 30 8.23 28.85 25.98
CA SER B 30 7.67 29.43 27.19
C SER B 30 6.21 29.02 27.38
N LYS B 31 5.66 28.27 26.43
CA LYS B 31 4.26 27.87 26.52
C LYS B 31 4.10 26.39 26.64
N GLY B 32 5.17 25.67 26.93
CA GLY B 32 4.99 24.28 27.15
C GLY B 32 6.00 23.38 26.47
N VAL B 33 6.66 23.86 25.41
CA VAL B 33 7.55 22.97 24.68
C VAL B 33 8.81 22.76 25.51
N ASP B 34 9.15 21.50 25.78
CA ASP B 34 10.33 21.12 26.55
C ASP B 34 11.55 21.00 25.69
N VAL B 35 11.41 20.45 24.48
CA VAL B 35 12.54 20.20 23.61
C VAL B 35 12.29 20.73 22.20
N VAL B 36 13.37 21.18 21.57
CA VAL B 36 13.23 21.68 20.21
C VAL B 36 13.89 20.71 19.30
N PHE B 37 13.13 20.24 18.33
CA PHE B 37 13.60 19.27 17.34
C PHE B 37 13.79 20.06 16.05
N VAL B 38 15.02 20.23 15.61
CA VAL B 38 15.32 21.20 14.60
C VAL B 38 15.56 20.49 13.32
N ALA B 39 15.02 21.03 12.20
CA ALA B 39 15.30 20.48 10.88
C ALA B 39 14.63 19.11 10.75
N GLY B 40 13.54 18.87 11.46
CA GLY B 40 12.78 17.65 11.18
C GLY B 40 11.97 17.85 9.91
N THR B 41 10.92 17.04 9.74
CA THR B 41 10.05 17.19 8.59
C THR B 41 9.26 18.51 8.59
N THR B 42 8.62 18.81 9.71
CA THR B 42 7.94 20.08 9.84
C THR B 42 8.91 21.23 9.58
N GLY B 43 10.19 21.03 9.91
CA GLY B 43 11.19 22.03 9.63
C GLY B 43 11.81 21.96 8.24
N LEU B 44 11.28 21.16 7.33
CA LEU B 44 11.82 21.14 5.92
C LEU B 44 13.21 20.63 5.83
N GLY B 45 13.60 19.84 6.82
CA GLY B 45 14.96 19.40 6.93
C GLY B 45 15.59 18.89 5.63
N PRO B 46 14.96 17.92 4.95
CA PRO B 46 15.52 17.41 3.68
C PRO B 46 15.67 18.45 2.55
N ALA B 47 15.00 19.59 2.72
CA ALA B 47 15.08 20.69 1.79
C ALA B 47 16.20 21.70 2.10
N LEU B 48 16.92 21.54 3.21
CA LEU B 48 17.84 22.58 3.71
C LEU B 48 19.25 22.22 3.34
N SER B 49 20.08 23.18 2.94
CA SER B 49 21.50 22.89 2.79
C SER B 49 22.19 22.63 4.13
N LEU B 50 23.40 22.04 4.06
CA LEU B 50 24.26 21.90 5.22
C LEU B 50 24.45 23.25 5.91
N GLN B 51 24.83 24.28 5.16
CA GLN B 51 24.99 25.62 5.71
C GLN B 51 23.77 25.99 6.47
N GLU B 52 22.58 25.81 5.89
CA GLU B 52 21.37 26.28 6.56
C GLU B 52 21.09 25.47 7.80
N LYS B 53 21.46 24.19 7.78
CA LYS B 53 21.24 23.35 8.96
C LYS B 53 22.18 23.72 10.10
N MET B 54 23.39 24.12 9.75
CA MET B 54 24.29 24.65 10.76
C MET B 54 23.76 25.94 11.33
N GLU B 55 23.19 26.82 10.51
CA GLU B 55 22.68 28.11 11.02
C GLU B 55 21.52 27.89 11.92
N LEU B 56 20.75 26.87 11.59
CA LEU B 56 19.59 26.55 12.34
C LEU B 56 20.03 25.91 13.65
N THR B 57 21.02 25.04 13.61
CA THR B 57 21.53 24.49 14.86
C THR B 57 21.98 25.62 15.81
N ASP B 58 22.72 26.57 15.23
CA ASP B 58 23.22 27.72 15.98
C ASP B 58 22.00 28.41 16.53
N ALA B 59 20.99 28.74 15.69
CA ALA B 59 19.91 29.56 16.25
C ALA B 59 19.10 28.79 17.26
N ALA B 60 18.90 27.49 17.05
CA ALA B 60 18.08 26.75 18.02
C ALA B 60 18.82 26.57 19.35
N THR B 61 20.11 26.26 19.31
CA THR B 61 20.85 26.06 20.60
C THR B 61 21.04 27.37 21.34
N SER B 62 21.04 28.44 20.58
CA SER B 62 21.11 29.71 21.21
C SER B 62 19.76 30.17 21.80
N ALA B 63 18.65 29.70 21.29
CA ALA B 63 17.32 30.15 21.76
C ALA B 63 16.62 29.18 22.71
N ALA B 64 17.18 27.99 22.86
CA ALA B 64 16.53 26.97 23.68
C ALA B 64 17.53 26.06 24.41
N ARG B 65 17.14 25.56 25.55
CA ARG B 65 18.05 24.87 26.41
C ARG B 65 18.20 23.42 25.92
N ARG B 66 17.12 22.80 25.43
CA ARG B 66 17.23 21.41 25.00
C ARG B 66 16.84 21.31 23.53
N VAL B 67 17.79 20.84 22.72
CA VAL B 67 17.64 20.85 21.30
C VAL B 67 18.19 19.55 20.79
N ILE B 68 17.44 18.94 19.88
CA ILE B 68 17.80 17.72 19.20
C ILE B 68 17.88 18.13 17.74
N VAL B 69 18.96 17.80 17.05
CA VAL B 69 19.05 18.26 15.70
C VAL B 69 18.92 17.05 14.84
N GLN B 70 18.07 17.16 13.81
CA GLN B 70 17.81 16.10 12.84
C GLN B 70 18.79 16.26 11.74
N VAL B 71 19.57 15.22 11.45
CA VAL B 71 20.76 15.36 10.59
C VAL B 71 20.72 14.65 9.25
N ALA B 72 19.62 13.98 8.94
CA ALA B 72 19.60 13.11 7.78
C ALA B 72 20.01 13.85 6.53
N SER B 73 20.76 13.17 5.68
CA SER B 73 21.08 13.73 4.42
C SER B 73 21.36 12.54 3.54
N LEU B 74 21.12 12.73 2.23
CA LEU B 74 21.42 11.74 1.23
C LEU B 74 22.87 11.81 0.77
N ASN B 75 23.63 12.72 1.37
CA ASN B 75 25.07 12.57 1.38
C ASN B 75 25.40 12.28 2.85
N ALA B 76 25.86 11.08 3.12
CA ALA B 76 26.06 10.62 4.48
C ALA B 76 27.17 11.40 5.19
N ASP B 77 28.16 11.87 4.43
CA ASP B 77 29.21 12.70 5.03
C ASP B 77 28.61 13.97 5.65
N GLU B 78 27.57 14.51 5.02
CA GLU B 78 26.94 15.70 5.54
C GLU B 78 26.19 15.41 6.81
N ALA B 79 25.57 14.23 6.92
CA ALA B 79 24.86 13.90 8.12
C ALA B 79 25.86 13.75 9.29
N ILE B 80 26.96 13.06 9.02
CA ILE B 80 28.02 12.91 10.01
C ILE B 80 28.57 14.24 10.44
N ALA B 81 28.91 15.09 9.47
CA ALA B 81 29.44 16.44 9.76
C ALA B 81 28.45 17.26 10.59
N LEU B 82 27.16 17.31 10.18
CA LEU B 82 26.17 18.00 11.00
C LEU B 82 25.98 17.39 12.39
N ALA B 83 26.06 16.06 12.54
CA ALA B 83 25.94 15.47 13.88
C ALA B 83 27.09 16.02 14.77
N LYS B 84 28.29 16.14 14.22
CA LYS B 84 29.44 16.60 15.02
C LYS B 84 29.26 18.06 15.38
N TYR B 85 28.72 18.82 14.45
CA TYR B 85 28.52 20.25 14.66
C TYR B 85 27.48 20.46 15.68
N ALA B 86 26.42 19.66 15.60
CA ALA B 86 25.34 19.82 16.58
C ALA B 86 25.83 19.47 17.95
N GLU B 87 26.61 18.42 18.05
CA GLU B 87 27.17 18.09 19.34
C GLU B 87 28.06 19.25 19.92
N SER B 88 28.95 19.73 19.07
CA SER B 88 29.82 20.87 19.41
C SER B 88 28.99 22.09 19.84
N ARG B 89 27.80 22.28 19.26
CA ARG B 89 26.91 23.38 19.67
C ARG B 89 26.05 23.07 20.88
N GLY B 90 26.27 21.93 21.53
CA GLY B 90 25.46 21.63 22.71
C GLY B 90 24.12 20.93 22.55
N ALA B 91 23.81 20.35 21.37
CA ALA B 91 22.58 19.57 21.19
C ALA B 91 22.57 18.49 22.24
N GLU B 92 21.42 18.18 22.82
CA GLU B 92 21.39 17.08 23.73
C GLU B 92 21.34 15.73 23.01
N ALA B 93 21.02 15.75 21.71
CA ALA B 93 21.01 14.54 20.92
C ALA B 93 20.91 14.91 19.44
N VAL B 94 21.24 13.96 18.57
CA VAL B 94 21.00 14.10 17.15
C VAL B 94 20.00 13.03 16.74
N ALA B 95 19.11 13.32 15.78
CA ALA B 95 18.21 12.30 15.28
C ALA B 95 18.49 12.08 13.80
N SER B 96 18.10 10.95 13.24
CA SER B 96 18.21 10.87 11.78
C SER B 96 17.10 9.99 11.26
N LEU B 97 16.54 10.44 10.17
CA LEU B 97 15.66 9.66 9.35
C LEU B 97 16.56 8.55 8.82
N PRO B 98 15.99 7.38 8.52
CA PRO B 98 16.84 6.44 7.78
C PRO B 98 17.08 7.07 6.39
N PRO B 99 18.05 6.58 5.65
CA PRO B 99 18.22 6.97 4.28
C PRO B 99 16.89 6.86 3.56
N TYR B 100 16.52 7.90 2.81
CA TYR B 100 15.17 8.03 2.25
C TYR B 100 15.21 8.08 0.72
N TYR B 101 14.05 8.26 0.10
CA TYR B 101 14.03 8.29 -1.37
C TYR B 101 14.38 6.94 -2.08
N PHE B 102 15.63 6.48 -1.94
CA PHE B 102 16.13 5.38 -2.77
C PHE B 102 15.45 4.08 -2.38
N PRO B 103 14.63 3.51 -3.29
CA PRO B 103 14.01 2.26 -2.85
C PRO B 103 15.01 1.10 -2.76
N ARG B 104 14.72 0.15 -1.88
CA ARG B 104 15.50 -1.07 -1.78
C ARG B 104 17.06 -0.88 -1.68
N LEU B 105 17.50 -0.09 -0.69
CA LEU B 105 18.89 -0.12 -0.26
C LEU B 105 19.01 -1.37 0.58
N SER B 106 20.21 -1.85 0.77
CA SER B 106 20.37 -3.05 1.55
C SER B 106 20.33 -2.73 3.05
N GLU B 107 19.98 -3.72 3.85
CA GLU B 107 20.05 -3.61 5.30
C GLU B 107 21.46 -3.21 5.75
N ARG B 108 22.48 -3.77 5.13
CA ARG B 108 23.85 -3.41 5.43
C ARG B 108 24.08 -1.90 5.23
N GLN B 109 23.55 -1.33 4.14
CA GLN B 109 23.65 0.11 3.91
C GLN B 109 22.91 0.91 4.98
N ILE B 110 21.69 0.52 5.31
CA ILE B 110 21.01 1.22 6.40
C ILE B 110 21.71 1.16 7.77
N ALA B 111 22.23 -0.03 8.12
CA ALA B 111 22.90 -0.26 9.38
C ALA B 111 24.18 0.55 9.41
N LYS B 112 24.98 0.48 8.34
CA LYS B 112 26.18 1.31 8.27
C LYS B 112 25.86 2.77 8.52
N TYR B 113 24.84 3.29 7.85
CA TYR B 113 24.47 4.72 8.02
C TYR B 113 24.34 5.07 9.47
N PHE B 114 23.55 4.33 10.21
CA PHE B 114 23.23 4.68 11.58
C PHE B 114 24.40 4.49 12.53
N ARG B 115 25.19 3.47 12.29
CA ARG B 115 26.32 3.19 13.14
C ARG B 115 27.42 4.19 12.93
N ASP B 116 27.58 4.63 11.69
CA ASP B 116 28.56 5.66 11.40
C ASP B 116 28.13 6.92 12.17
N LEU B 117 26.83 7.22 12.25
CA LEU B 117 26.37 8.37 13.04
C LEU B 117 26.69 8.19 14.53
N CYS B 118 26.39 7.01 15.06
CA CYS B 118 26.58 6.73 16.48
C CYS B 118 28.04 6.88 16.87
N SER B 119 28.93 6.38 16.02
CA SER B 119 30.37 6.51 16.14
C SER B 119 30.88 7.92 16.06
N ALA B 120 30.09 8.80 15.47
CA ALA B 120 30.56 10.13 15.12
C ALA B 120 30.41 11.06 16.32
N VAL B 121 29.55 10.71 17.25
CA VAL B 121 29.25 11.61 18.35
C VAL B 121 29.10 10.86 19.68
N SER B 122 29.13 11.57 20.80
CA SER B 122 28.97 10.89 22.09
C SER B 122 27.60 11.09 22.63
N ILE B 123 26.89 12.10 22.13
CA ILE B 123 25.53 12.38 22.60
C ILE B 123 24.63 11.30 22.01
N PRO B 124 23.48 11.04 22.62
CA PRO B 124 22.55 10.05 22.03
C PRO B 124 22.19 10.28 20.53
N VAL B 125 22.03 9.18 19.81
CA VAL B 125 21.50 9.23 18.45
C VAL B 125 20.10 8.69 18.47
N PHE B 126 19.15 9.46 17.95
CA PHE B 126 17.78 8.99 17.85
C PHE B 126 17.47 8.45 16.47
N LEU B 127 16.65 7.43 16.40
CA LEU B 127 16.06 7.01 15.17
C LEU B 127 14.86 7.87 15.00
N TYR B 128 14.73 8.48 13.84
CA TYR B 128 13.54 9.22 13.50
C TYR B 128 12.88 8.40 12.39
N ASN B 129 11.85 7.66 12.80
CA ASN B 129 11.23 6.70 11.92
C ASN B 129 10.02 7.37 11.31
N TYR B 130 9.86 7.31 9.99
CA TYR B 130 8.71 7.96 9.39
C TYR B 130 8.42 7.25 8.08
N PRO B 131 7.83 6.03 8.15
CA PRO B 131 7.75 5.19 6.95
C PRO B 131 7.01 5.88 5.81
N ALA B 132 6.00 6.68 6.09
CA ALA B 132 5.23 7.27 5.00
C ALA B 132 6.07 8.21 4.13
N ALA B 133 7.00 8.91 4.76
CA ALA B 133 7.84 9.88 4.05
C ALA B 133 9.11 9.21 3.57
N VAL B 134 9.61 8.27 4.35
CA VAL B 134 10.92 7.71 4.10
C VAL B 134 10.83 6.60 3.08
N GLY B 135 9.70 5.89 3.07
CA GLY B 135 9.56 4.73 2.21
C GLY B 135 10.15 3.44 2.77
N ARG B 136 10.66 3.50 3.99
CA ARG B 136 11.03 2.28 4.68
C ARG B 136 10.76 2.47 6.15
N ASP B 137 10.61 1.34 6.83
CA ASP B 137 10.39 1.32 8.26
C ASP B 137 11.62 0.73 8.95
N VAL B 138 12.11 1.36 10.00
CA VAL B 138 13.09 0.72 10.89
C VAL B 138 12.32 0.49 12.18
N ASP B 139 11.76 -0.72 12.31
CA ASP B 139 10.91 -1.05 13.45
C ASP B 139 11.70 -1.30 14.70
N ALA B 140 10.97 -1.62 15.79
CA ALA B 140 11.66 -1.80 17.07
C ALA B 140 12.74 -2.85 17.06
N ARG B 141 12.47 -4.00 16.44
CA ARG B 141 13.46 -5.07 16.39
C ARG B 141 14.69 -4.62 15.62
N ALA B 142 14.45 -4.02 14.46
CA ALA B 142 15.52 -3.48 13.63
C ALA B 142 16.31 -2.38 14.36
N ALA B 143 15.62 -1.50 15.05
CA ALA B 143 16.28 -0.48 15.86
C ALA B 143 17.19 -1.08 16.94
N LYS B 144 16.74 -2.13 17.64
CA LYS B 144 17.54 -2.78 18.65
C LYS B 144 18.76 -3.38 18.01
N GLU B 145 18.56 -4.02 16.86
CA GLU B 145 19.63 -4.63 16.09
C GLU B 145 20.77 -3.62 15.72
N LEU B 146 20.43 -2.36 15.49
CA LEU B 146 21.44 -1.35 15.15
C LEU B 146 22.47 -1.24 16.26
N GLY B 147 21.99 -1.33 17.49
CA GLY B 147 22.87 -1.52 18.63
C GLY B 147 23.35 -0.28 19.32
N CYS B 148 22.79 0.87 18.95
CA CYS B 148 23.30 2.11 19.47
C CYS B 148 22.21 3.17 19.54
N ILE B 149 20.99 2.80 19.21
CA ILE B 149 19.91 3.75 19.18
C ILE B 149 19.49 4.06 20.62
N ARG B 150 19.54 5.33 21.03
CA ARG B 150 19.11 5.66 22.39
C ARG B 150 17.83 6.48 22.49
N GLY B 151 17.15 6.68 21.37
CA GLY B 151 15.89 7.40 21.41
C GLY B 151 15.26 7.17 20.09
N VAL B 152 13.95 7.31 20.06
CA VAL B 152 13.16 7.06 18.86
C VAL B 152 12.13 8.10 18.77
N LYS B 153 12.01 8.73 17.60
CA LYS B 153 10.79 9.43 17.24
C LYS B 153 10.10 8.66 16.13
N ASP B 154 8.85 8.29 16.35
CA ASP B 154 8.18 7.37 15.44
C ASP B 154 6.98 8.08 14.91
N THR B 155 7.06 8.54 13.67
CA THR B 155 5.89 9.19 13.08
C THR B 155 5.08 8.12 12.38
N ASN B 156 4.02 7.74 13.08
CA ASN B 156 3.36 6.48 12.78
C ASN B 156 2.04 6.52 13.45
N GLU B 157 1.01 6.13 12.72
CA GLU B 157 -0.36 6.20 13.24
C GLU B 157 -0.64 4.98 14.12
N SER B 158 0.23 3.98 13.99
CA SER B 158 0.14 2.77 14.74
C SER B 158 0.85 2.95 16.07
N LEU B 159 0.09 3.25 17.12
CA LEU B 159 0.65 3.45 18.45
C LEU B 159 1.39 2.18 18.94
N ALA B 160 0.92 1.02 18.52
CA ALA B 160 1.61 -0.21 18.97
C ALA B 160 2.99 -0.29 18.34
N HIS B 161 3.14 0.23 17.13
CA HIS B 161 4.45 0.16 16.50
C HIS B 161 5.40 1.02 17.36
N THR B 162 4.89 2.13 17.87
CA THR B 162 5.71 3.04 18.64
C THR B 162 5.99 2.39 19.99
N LEU B 163 4.97 1.81 20.61
CA LEU B 163 5.21 1.18 21.94
C LEU B 163 6.21 0.03 21.85
N ALA B 164 6.27 -0.70 20.73
CA ALA B 164 7.32 -1.78 20.60
C ALA B 164 8.74 -1.32 20.84
N TYR B 165 9.05 -0.05 20.60
CA TYR B 165 10.44 0.40 20.83
C TYR B 165 10.74 0.38 22.30
N LYS B 166 9.74 0.65 23.13
CA LYS B 166 9.88 0.59 24.58
C LYS B 166 10.06 -0.84 25.05
N ARG B 167 9.59 -1.80 24.27
CA ARG B 167 9.73 -3.20 24.62
C ARG B 167 11.11 -3.76 24.26
N TYR B 168 11.57 -3.43 23.05
CA TYR B 168 12.90 -3.81 22.63
C TYR B 168 14.04 -2.88 23.09
N LEU B 169 13.72 -1.63 23.42
CA LEU B 169 14.72 -0.68 23.88
C LEU B 169 14.25 -0.02 25.17
N PRO B 170 14.25 -0.76 26.27
CA PRO B 170 13.69 -0.24 27.50
C PRO B 170 14.38 1.06 28.00
N GLN B 171 15.67 1.26 27.72
CA GLN B 171 16.30 2.54 28.10
C GLN B 171 16.10 3.71 27.12
N ALA B 172 15.57 3.45 25.93
CA ALA B 172 15.45 4.48 24.89
C ALA B 172 14.38 5.49 25.27
N ARG B 173 14.62 6.79 25.07
CA ARG B 173 13.51 7.74 25.15
C ARG B 173 12.70 7.55 23.87
N VAL B 174 11.41 7.29 24.03
CA VAL B 174 10.54 7.01 22.88
C VAL B 174 9.41 8.00 22.81
N TYR B 175 9.30 8.66 21.65
CA TYR B 175 8.25 9.64 21.34
C TYR B 175 7.39 9.20 20.16
N ASN B 176 6.08 9.47 20.19
CA ASN B 176 5.31 9.31 19.01
C ASN B 176 5.31 10.65 18.26
N GLY B 177 5.40 10.61 16.94
CA GLY B 177 5.46 11.83 16.18
C GLY B 177 4.18 12.19 15.51
N SER B 178 3.06 11.58 15.88
CA SER B 178 1.85 11.94 15.15
C SER B 178 0.90 12.82 16.00
N ASP B 179 0.48 13.96 15.46
CA ASP B 179 -0.43 14.89 16.17
C ASP B 179 -1.72 14.24 16.65
N SER B 180 -2.15 13.18 15.97
CA SER B 180 -3.46 12.62 16.27
C SER B 180 -3.36 11.69 17.45
N LEU B 181 -2.13 11.46 17.94
CA LEU B 181 -1.85 10.54 19.04
C LEU B 181 -1.27 11.23 20.26
N VAL B 182 -1.48 12.54 20.41
CA VAL B 182 -0.86 13.23 21.52
C VAL B 182 -1.46 12.73 22.82
N PHE B 183 -2.77 12.77 22.89
CA PHE B 183 -3.55 12.21 24.01
C PHE B 183 -3.14 10.72 24.30
N ALA B 184 -3.17 9.89 23.28
CA ALA B 184 -2.84 8.48 23.50
C ALA B 184 -1.40 8.24 23.95
N SER B 185 -0.46 9.05 23.47
CA SER B 185 0.94 8.92 23.88
C SER B 185 1.11 9.17 25.38
N PHE B 186 0.50 10.23 25.89
CA PHE B 186 0.55 10.53 27.30
C PHE B 186 -0.20 9.43 28.07
N ALA B 187 -1.38 9.03 27.58
CA ALA B 187 -2.16 7.99 28.26
C ALA B 187 -1.42 6.67 28.37
N VAL B 188 -0.58 6.30 27.40
CA VAL B 188 0.15 5.06 27.55
C VAL B 188 1.55 5.30 28.08
N ARG B 189 1.80 6.55 28.44
CA ARG B 189 3.08 6.93 29.04
C ARG B 189 4.29 6.61 28.18
N LEU B 190 4.25 7.04 26.91
CA LEU B 190 5.47 7.08 26.10
C LEU B 190 6.29 8.18 26.76
N ASP B 191 7.54 8.36 26.37
CA ASP B 191 8.39 9.41 26.94
C ASP B 191 7.99 10.80 26.48
N GLY B 192 7.16 10.88 25.45
CA GLY B 192 6.57 12.19 25.13
C GLY B 192 6.07 12.21 23.70
N VAL B 193 5.83 13.40 23.12
CA VAL B 193 5.36 13.49 21.75
C VAL B 193 6.20 14.49 21.00
N VAL B 194 6.40 14.28 19.70
CA VAL B 194 7.04 15.29 18.86
C VAL B 194 5.92 15.65 17.93
N ALA B 195 5.19 16.72 18.24
CA ALA B 195 4.02 17.00 17.49
C ALA B 195 4.17 18.33 16.75
N SER B 196 3.93 18.33 15.44
CA SER B 196 4.09 19.50 14.67
C SER B 196 3.20 20.60 15.23
N SER B 197 2.08 20.26 15.88
CA SER B 197 1.20 21.32 16.39
C SER B 197 1.79 22.06 17.58
N ALA B 198 2.88 21.56 18.13
CA ALA B 198 3.56 22.27 19.19
C ALA B 198 4.09 23.62 18.66
N ASN B 199 4.11 23.80 17.34
CA ASN B 199 4.47 25.10 16.84
C ASN B 199 3.36 26.10 17.04
N TYR B 200 2.12 25.65 16.93
CA TYR B 200 1.04 26.62 16.86
C TYR B 200 0.15 26.53 18.02
N LEU B 201 0.08 25.36 18.66
CA LEU B 201 -0.80 25.23 19.80
C LEU B 201 -0.16 24.50 20.98
N PRO B 202 1.02 24.94 21.41
CA PRO B 202 1.76 24.19 22.43
C PRO B 202 0.99 24.11 23.71
N GLU B 203 0.17 25.12 23.96
CA GLU B 203 -0.54 25.24 25.19
C GLU B 203 -1.76 24.28 25.17
N LEU B 204 -2.27 23.97 23.99
CA LEU B 204 -3.30 22.94 23.90
C LEU B 204 -2.67 21.56 24.20
N LEU B 205 -1.47 21.30 23.66
CA LEU B 205 -0.80 20.05 24.05
C LEU B 205 -0.50 20.00 25.54
N ALA B 206 -0.07 21.13 26.11
CA ALA B 206 0.27 21.11 27.53
C ALA B 206 -1.02 20.77 28.25
N GLY B 207 -2.13 21.27 27.73
CA GLY B 207 -3.45 21.02 28.35
C GLY B 207 -3.85 19.55 28.30
N ILE B 208 -3.70 18.93 27.14
CA ILE B 208 -3.88 17.50 27.06
C ILE B 208 -2.96 16.80 28.07
N ARG B 209 -1.68 17.13 28.08
CA ARG B 209 -0.78 16.49 29.06
C ARG B 209 -1.24 16.68 30.52
N ASP B 210 -1.68 17.88 30.88
CA ASP B 210 -2.22 18.10 32.22
C ASP B 210 -3.50 17.27 32.46
N ALA B 211 -4.39 17.19 31.47
CA ALA B 211 -5.64 16.48 31.64
C ALA B 211 -5.36 15.03 31.84
N VAL B 212 -4.47 14.44 31.05
CA VAL B 212 -4.14 13.06 31.31
C VAL B 212 -3.55 12.87 32.73
N ALA B 213 -2.66 13.74 33.17
CA ALA B 213 -1.97 13.50 34.43
C ALA B 213 -2.94 13.69 35.61
N ALA B 214 -4.05 14.36 35.37
CA ALA B 214 -4.99 14.66 36.41
C ALA B 214 -6.12 13.64 36.37
N GLY B 215 -6.00 12.66 35.46
CA GLY B 215 -7.01 11.62 35.30
C GLY B 215 -8.26 12.13 34.61
N ASP B 216 -8.15 13.25 33.92
CA ASP B 216 -9.31 13.87 33.31
C ASP B 216 -9.37 13.48 31.81
N ILE B 217 -9.56 12.18 31.60
CA ILE B 217 -9.47 11.60 30.27
C ILE B 217 -10.45 12.22 29.30
N GLU B 218 -11.63 12.59 29.75
CA GLU B 218 -12.63 13.15 28.84
C GLU B 218 -12.23 14.56 28.38
N ARG B 219 -11.51 15.32 29.21
CA ARG B 219 -11.00 16.60 28.72
C ARG B 219 -9.83 16.37 27.68
N ALA B 220 -8.87 15.54 28.05
CA ALA B 220 -7.76 15.18 27.15
C ALA B 220 -8.33 14.88 25.78
N ARG B 221 -9.29 13.97 25.75
CA ARG B 221 -9.83 13.52 24.50
C ARG B 221 -10.44 14.64 23.70
N SER B 222 -11.24 15.49 24.35
CA SER B 222 -11.91 16.53 23.58
C SER B 222 -10.96 17.62 23.17
N LEU B 223 -9.88 17.82 23.94
CA LEU B 223 -8.83 18.72 23.46
C LEU B 223 -8.14 18.07 22.24
N GLN B 224 -7.93 16.76 22.31
CA GLN B 224 -7.31 16.07 21.18
C GLN B 224 -8.19 16.18 19.97
N PHE B 225 -9.50 16.10 20.16
CA PHE B 225 -10.45 16.16 19.04
C PHE B 225 -10.51 17.56 18.42
N LEU B 226 -10.45 18.60 19.26
CA LEU B 226 -10.28 20.00 18.77
C LEU B 226 -9.04 20.08 17.86
N LEU B 227 -7.92 19.57 18.36
CA LEU B 227 -6.68 19.56 17.61
C LEU B 227 -6.87 18.81 16.29
N ASP B 228 -7.44 17.61 16.32
CA ASP B 228 -7.68 16.85 15.05
C ASP B 228 -8.47 17.66 14.03
N GLU B 229 -9.45 18.46 14.45
CA GLU B 229 -10.23 19.21 13.48
C GLU B 229 -9.37 20.26 12.85
N ILE B 230 -8.45 20.85 13.63
CA ILE B 230 -7.51 21.85 13.08
C ILE B 230 -6.54 21.20 12.10
N VAL B 231 -5.92 20.11 12.52
CA VAL B 231 -5.01 19.41 11.63
C VAL B 231 -5.68 19.01 10.33
N GLU B 232 -6.92 18.51 10.41
CA GLU B 232 -7.67 18.11 9.22
C GLU B 232 -7.81 19.23 8.22
N SER B 233 -8.22 20.41 8.67
CA SER B 233 -8.28 21.53 7.75
C SER B 233 -6.92 21.84 7.16
N ALA B 234 -5.88 21.82 7.99
CA ALA B 234 -4.55 22.20 7.49
C ALA B 234 -4.13 21.17 6.44
N ARG B 235 -4.41 19.91 6.72
CA ARG B 235 -4.09 18.83 5.76
C ARG B 235 -4.81 19.08 4.46
N HIS B 236 -6.05 19.53 4.53
CA HIS B 236 -6.82 19.72 3.34
C HIS B 236 -6.09 20.64 2.43
N ILE B 237 -5.33 21.57 2.99
CA ILE B 237 -4.79 22.64 2.16
C ILE B 237 -3.30 22.54 1.85
N GLY B 238 -2.63 21.55 2.40
CA GLY B 238 -1.19 21.54 2.24
C GLY B 238 -0.56 21.76 3.60
N TYR B 239 -0.40 20.68 4.37
CA TYR B 239 -0.07 20.82 5.78
C TYR B 239 1.22 21.58 6.04
N ALA B 240 2.28 21.13 5.39
CA ALA B 240 3.60 21.67 5.59
C ALA B 240 3.62 23.19 5.48
N ALA B 241 2.90 23.74 4.49
CA ALA B 241 2.82 25.19 4.33
C ALA B 241 1.79 25.81 5.28
N ALA B 242 0.72 25.07 5.57
CA ALA B 242 -0.34 25.54 6.50
C ALA B 242 0.16 25.81 7.91
N VAL B 243 1.08 24.97 8.38
CA VAL B 243 1.67 25.14 9.71
C VAL B 243 2.10 26.58 9.96
N TYR B 244 2.72 27.23 8.99
CA TYR B 244 3.16 28.62 9.19
C TYR B 244 1.97 29.53 9.42
N GLU B 245 0.87 29.30 8.72
CA GLU B 245 -0.27 30.20 8.84
C GLU B 245 -0.93 29.96 10.17
N LEU B 246 -0.91 28.72 10.62
CA LEU B 246 -1.52 28.39 11.90
C LEU B 246 -0.76 29.01 13.08
N VAL B 247 0.56 29.06 13.01
CA VAL B 247 1.34 29.79 14.00
C VAL B 247 0.85 31.23 14.10
N GLU B 248 0.73 31.89 12.96
CA GLU B 248 0.34 33.27 13.02
C GLU B 248 -1.03 33.40 13.63
N ILE B 249 -1.97 32.62 13.13
CA ILE B 249 -3.33 32.67 13.61
C ILE B 249 -3.42 32.39 15.10
N PHE B 250 -2.71 31.38 15.56
CA PHE B 250 -2.84 30.95 16.96
C PHE B 250 -1.89 31.60 17.98
N GLN B 251 -0.68 31.96 17.53
CA GLN B 251 0.33 32.56 18.40
C GLN B 251 0.48 34.08 18.21
N GLY B 252 -0.05 34.62 17.14
CA GLY B 252 -0.16 36.08 17.00
C GLY B 252 1.16 36.82 16.73
N TYR B 253 2.03 36.21 15.95
CA TYR B 253 3.19 36.88 15.46
C TYR B 253 3.52 36.24 14.14
N GLU B 254 4.48 36.82 13.44
CA GLU B 254 4.89 36.33 12.14
C GLU B 254 5.77 35.13 12.18
N ALA B 255 5.59 34.24 11.22
CA ALA B 255 6.18 32.91 11.28
C ALA B 255 7.08 32.67 10.10
N GLY B 256 7.23 33.68 9.27
CA GLY B 256 8.02 33.52 8.04
C GLY B 256 7.25 32.66 7.06
N GLU B 257 7.98 32.04 6.13
CA GLU B 257 7.42 31.22 5.06
C GLU B 257 8.23 29.94 4.92
N PRO B 258 7.64 28.94 4.23
CA PRO B 258 8.41 27.76 3.78
C PRO B 258 9.04 28.14 2.48
N ARG B 259 9.74 27.22 1.84
CA ARG B 259 10.37 27.57 0.60
C ARG B 259 10.01 26.49 -0.41
N GLY B 260 9.77 26.90 -1.64
CA GLY B 260 9.44 25.98 -2.66
C GLY B 260 10.37 24.86 -3.01
N PRO B 261 9.83 23.62 -3.01
CA PRO B 261 8.65 23.17 -3.71
C PRO B 261 7.57 23.22 -2.63
N VAL B 262 7.92 23.51 -1.38
CA VAL B 262 6.87 23.69 -0.38
C VAL B 262 6.51 25.15 -0.37
N TYR B 263 5.86 25.64 -1.42
CA TYR B 263 5.53 27.05 -1.54
C TYR B 263 4.60 27.50 -0.42
N PRO B 264 4.73 28.77 -0.02
CA PRO B 264 3.81 29.39 0.95
C PRO B 264 2.39 29.27 0.43
N LEU B 265 1.42 29.23 1.31
CA LEU B 265 0.03 29.27 0.94
C LEU B 265 -0.25 30.56 0.24
N ASP B 266 -1.22 30.57 -0.67
CA ASP B 266 -1.66 31.83 -1.25
C ASP B 266 -2.76 32.46 -0.40
N PRO B 267 -3.15 33.68 -0.75
CA PRO B 267 -4.19 34.43 -0.05
C PRO B 267 -5.49 33.68 0.13
N GLU B 268 -5.91 33.00 -0.92
CA GLU B 268 -7.18 32.29 -0.96
C GLU B 268 -7.12 31.10 0.00
N GLU B 269 -5.99 30.41 -0.03
CA GLU B 269 -5.71 29.25 0.83
C GLU B 269 -5.61 29.67 2.25
N LYS B 270 -4.92 30.77 2.52
CA LYS B 270 -4.83 31.24 3.90
C LYS B 270 -6.23 31.61 4.42
N ALA B 271 -7.01 32.32 3.61
CA ALA B 271 -8.39 32.75 3.97
C ALA B 271 -9.30 31.57 4.22
N TRP B 272 -9.17 30.54 3.38
CA TRP B 272 -9.94 29.32 3.55
C TRP B 272 -9.54 28.69 4.87
N LEU B 273 -8.23 28.59 5.13
CA LEU B 273 -7.75 27.95 6.35
C LEU B 273 -8.24 28.71 7.57
N ARG B 274 -8.11 30.03 7.57
CA ARG B 274 -8.64 30.83 8.67
C ARG B 274 -10.12 30.49 8.93
N ALA B 275 -10.97 30.58 7.91
CA ALA B 275 -12.40 30.22 8.10
C ALA B 275 -12.58 28.81 8.61
N ALA B 276 -11.87 27.85 8.00
CA ALA B 276 -11.92 26.47 8.47
C ALA B 276 -11.61 26.37 9.93
N VAL B 277 -10.62 27.12 10.43
CA VAL B 277 -10.28 26.93 11.83
C VAL B 277 -11.16 27.78 12.72
N ALA B 278 -11.65 28.92 12.26
CA ALA B 278 -12.51 29.69 13.15
C ALA B 278 -13.75 28.85 13.52
N LYS B 279 -14.24 28.12 12.54
CA LYS B 279 -15.37 27.21 12.65
C LYS B 279 -15.01 25.96 13.43
N ALA B 280 -13.74 25.56 13.35
CA ALA B 280 -13.26 24.34 14.00
C ALA B 280 -13.48 24.51 15.49
N LYS B 281 -14.68 24.16 15.92
CA LYS B 281 -15.10 24.43 17.28
C LYS B 281 -14.40 25.66 17.89
N MET C 1 -15.73 -0.42 30.79
CA MET C 1 -15.13 -0.74 29.45
C MET C 1 -15.11 -2.25 29.27
N GLU C 2 -15.65 -2.72 28.16
CA GLU C 2 -15.92 -4.17 28.06
C GLU C 2 -14.79 -4.92 27.44
N ILE C 3 -14.64 -6.18 27.80
CA ILE C 3 -13.81 -7.12 27.06
C ILE C 3 -14.75 -7.97 26.20
N VAL C 4 -14.73 -7.76 24.88
CA VAL C 4 -15.58 -8.49 23.99
C VAL C 4 -14.74 -9.59 23.35
N ALA C 5 -15.25 -10.83 23.34
CA ALA C 5 -14.54 -11.96 22.66
C ALA C 5 -15.06 -12.27 21.24
N PRO C 6 -14.19 -12.16 20.21
CA PRO C 6 -14.66 -12.62 18.93
C PRO C 6 -14.38 -14.09 18.94
N VAL C 7 -15.40 -14.88 19.34
CA VAL C 7 -15.14 -16.27 19.76
C VAL C 7 -14.82 -17.09 18.51
N ILE C 8 -13.91 -18.07 18.62
CA ILE C 8 -13.63 -18.96 17.52
C ILE C 8 -14.85 -19.84 17.26
N THR C 9 -14.90 -20.45 16.09
CA THR C 9 -15.98 -21.30 15.68
C THR C 9 -15.44 -22.69 15.72
N THR C 10 -15.99 -23.54 16.57
CA THR C 10 -15.29 -24.74 16.91
C THR C 10 -15.79 -25.86 16.03
N PHE C 11 -15.04 -26.21 14.98
CA PHE C 11 -15.32 -27.43 14.21
C PHE C 11 -14.66 -28.66 14.81
N ARG C 12 -15.30 -29.80 14.64
CA ARG C 12 -14.67 -31.10 14.89
C ARG C 12 -15.34 -32.02 13.90
N GLY C 13 -14.58 -32.96 13.35
CA GLY C 13 -15.02 -33.51 12.06
C GLY C 13 -14.98 -32.31 11.12
N GLY C 14 -15.76 -32.36 10.06
CA GLY C 14 -15.78 -31.22 9.13
C GLY C 14 -16.82 -30.22 9.60
N ARG C 15 -17.48 -30.57 10.70
CA ARG C 15 -18.62 -29.77 11.08
C ARG C 15 -18.61 -29.14 12.47
N LEU C 16 -19.43 -28.10 12.55
CA LEU C 16 -19.58 -27.30 13.70
C LEU C 16 -19.98 -28.16 14.88
N ASP C 17 -19.24 -28.07 15.97
CA ASP C 17 -19.59 -28.71 17.19
C ASP C 17 -20.03 -27.58 18.14
N PRO C 18 -21.35 -27.29 18.21
CA PRO C 18 -21.90 -26.24 19.09
C PRO C 18 -21.87 -26.53 20.60
N GLU C 19 -21.39 -27.70 21.02
CA GLU C 19 -21.29 -27.95 22.46
C GLU C 19 -19.93 -27.51 22.94
N LEU C 20 -18.94 -27.82 22.11
CA LEU C 20 -17.60 -27.27 22.25
C LEU C 20 -17.70 -25.74 22.36
N PHE C 21 -18.42 -25.15 21.41
CA PHE C 21 -18.53 -23.70 21.31
C PHE C 21 -19.16 -23.12 22.55
N ALA C 22 -20.24 -23.72 23.02
CA ALA C 22 -20.87 -23.28 24.26
C ALA C 22 -20.00 -23.49 25.49
N ASN C 23 -19.30 -24.62 25.61
CA ASN C 23 -18.39 -24.79 26.77
C ASN C 23 -17.30 -23.69 26.75
N HIS C 24 -16.84 -23.34 25.53
CA HIS C 24 -15.82 -22.30 25.36
C HIS C 24 -16.42 -20.94 25.78
N VAL C 25 -17.61 -20.62 25.32
CA VAL C 25 -18.22 -19.34 25.68
C VAL C 25 -18.39 -19.25 27.16
N LYS C 26 -18.90 -20.32 27.77
CA LYS C 26 -19.09 -20.38 29.22
C LYS C 26 -17.80 -20.16 29.99
N ASN C 27 -16.75 -20.87 29.61
CA ASN C 27 -15.51 -20.68 30.29
C ASN C 27 -14.94 -19.25 30.21
N ILE C 28 -15.05 -18.57 29.06
CA ILE C 28 -14.33 -17.30 28.88
C ILE C 28 -15.18 -16.16 29.44
N THR C 29 -16.51 -16.32 29.43
CA THR C 29 -17.37 -15.34 30.13
C THR C 29 -17.25 -15.48 31.66
N SER C 30 -16.74 -16.63 32.13
CA SER C 30 -16.51 -16.79 33.55
C SER C 30 -15.18 -16.20 33.98
N LYS C 31 -14.42 -15.69 33.01
CA LYS C 31 -13.05 -15.22 33.26
C LYS C 31 -12.81 -13.81 32.78
N GLY C 32 -13.88 -13.11 32.50
CA GLY C 32 -13.73 -11.69 32.32
C GLY C 32 -14.25 -11.19 30.99
N VAL C 33 -14.61 -12.09 30.08
CA VAL C 33 -15.28 -11.66 28.84
C VAL C 33 -16.70 -11.14 29.17
N ASP C 34 -17.06 -9.96 28.69
CA ASP C 34 -18.31 -9.28 29.03
C ASP C 34 -19.34 -9.48 27.92
N VAL C 35 -18.85 -9.45 26.67
CA VAL C 35 -19.69 -9.64 25.50
C VAL C 35 -19.11 -10.72 24.56
N VAL C 36 -19.99 -11.50 23.94
CA VAL C 36 -19.57 -12.51 22.98
C VAL C 36 -19.90 -11.97 21.58
N PHE C 37 -18.89 -11.91 20.68
CA PHE C 37 -19.08 -11.37 19.32
C PHE C 37 -18.95 -12.59 18.42
N VAL C 38 -20.06 -13.09 17.90
CA VAL C 38 -20.06 -14.37 17.17
C VAL C 38 -19.83 -14.23 15.67
N ALA C 39 -19.08 -15.19 15.11
CA ALA C 39 -18.90 -15.20 13.66
C ALA C 39 -18.17 -13.99 13.14
N GLY C 40 -17.21 -13.50 13.89
CA GLY C 40 -16.44 -12.42 13.29
C GLY C 40 -15.31 -13.09 12.53
N THR C 41 -14.23 -12.34 12.28
CA THR C 41 -13.08 -12.88 11.61
C THR C 41 -12.41 -14.01 12.40
N THR C 42 -12.17 -13.80 13.69
CA THR C 42 -11.58 -14.88 14.50
C THR C 42 -12.53 -16.11 14.42
N GLY C 43 -13.85 -15.85 14.25
CA GLY C 43 -14.86 -16.92 14.17
C GLY C 43 -15.02 -17.46 12.74
N LEU C 44 -14.19 -16.97 11.82
CA LEU C 44 -14.21 -17.46 10.45
C LEU C 44 -15.52 -17.10 9.78
N GLY C 45 -16.14 -16.02 10.24
CA GLY C 45 -17.35 -15.49 9.63
C GLY C 45 -17.55 -15.76 8.14
N PRO C 46 -16.77 -15.05 7.31
CA PRO C 46 -16.91 -15.15 5.87
C PRO C 46 -16.81 -16.62 5.35
N ALA C 47 -16.33 -17.54 6.17
CA ALA C 47 -16.11 -18.88 5.69
C ALA C 47 -17.33 -19.74 6.01
N LEU C 48 -18.27 -19.18 6.78
CA LEU C 48 -19.42 -19.88 7.35
C LEU C 48 -20.71 -19.73 6.51
N SER C 49 -21.49 -20.81 6.45
CA SER C 49 -22.77 -20.76 5.76
C SER C 49 -23.78 -20.09 6.66
N LEU C 50 -24.89 -19.65 6.09
CA LEU C 50 -25.93 -19.08 6.93
C LEU C 50 -26.27 -20.02 8.12
N GLN C 51 -26.29 -21.33 7.87
CA GLN C 51 -26.75 -22.28 8.83
C GLN C 51 -25.76 -22.34 9.96
N GLU C 52 -24.46 -22.33 9.61
CA GLU C 52 -23.43 -22.27 10.66
C GLU C 52 -23.57 -21.01 11.53
N LYS C 53 -23.89 -19.88 10.93
CA LYS C 53 -24.01 -18.65 11.75
C LYS C 53 -25.29 -18.65 12.63
N MET C 54 -26.38 -19.20 12.10
CA MET C 54 -27.61 -19.38 12.92
C MET C 54 -27.35 -20.30 14.10
N GLU C 55 -26.61 -21.37 13.84
CA GLU C 55 -26.25 -22.31 14.88
C GLU C 55 -25.41 -21.67 15.94
N LEU C 56 -24.41 -20.87 15.51
CA LEU C 56 -23.60 -20.13 16.47
C LEU C 56 -24.45 -19.10 17.15
N THR C 57 -25.38 -18.47 16.42
CA THR C 57 -26.23 -17.48 17.07
C THR C 57 -27.04 -18.16 18.18
N ASP C 58 -27.56 -19.37 17.93
CA ASP C 58 -28.36 -20.11 18.93
C ASP C 58 -27.47 -20.44 20.10
N ALA C 59 -26.36 -21.12 19.87
CA ALA C 59 -25.47 -21.54 20.98
C ALA C 59 -24.91 -20.39 21.82
N ALA C 60 -24.64 -19.26 21.16
CA ALA C 60 -24.06 -18.10 21.84
C ALA C 60 -25.09 -17.45 22.78
N THR C 61 -26.26 -17.17 22.22
CA THR C 61 -27.31 -16.56 23.01
C THR C 61 -27.78 -17.55 24.10
N SER C 62 -27.45 -18.84 23.97
CA SER C 62 -27.78 -19.77 25.06
C SER C 62 -26.77 -19.76 26.16
N ALA C 63 -25.51 -19.48 25.83
CA ALA C 63 -24.46 -19.68 26.82
C ALA C 63 -23.97 -18.39 27.45
N ALA C 64 -24.45 -17.25 26.93
CA ALA C 64 -23.91 -15.95 27.28
C ALA C 64 -25.06 -14.96 27.21
N ARG C 65 -25.05 -13.96 28.09
CA ARG C 65 -26.17 -13.02 28.19
C ARG C 65 -26.00 -11.86 27.24
N ARG C 66 -24.77 -11.59 26.83
CA ARG C 66 -24.53 -10.46 25.93
C ARG C 66 -23.83 -10.95 24.64
N VAL C 67 -24.55 -10.88 23.53
CA VAL C 67 -24.08 -11.47 22.29
C VAL C 67 -24.28 -10.44 21.22
N ILE C 68 -23.22 -10.20 20.43
CA ILE C 68 -23.35 -9.39 19.20
C ILE C 68 -23.06 -10.42 18.10
N VAL C 69 -23.89 -10.41 17.08
CA VAL C 69 -23.73 -11.39 16.02
C VAL C 69 -23.25 -10.67 14.81
N GLN C 70 -22.17 -11.20 14.25
CA GLN C 70 -21.61 -10.63 13.05
C GLN C 70 -22.25 -11.28 11.85
N VAL C 71 -22.79 -10.46 10.95
CA VAL C 71 -23.66 -11.00 9.91
C VAL C 71 -23.21 -10.86 8.46
N ALA C 72 -22.03 -10.32 8.19
CA ALA C 72 -21.76 -10.01 6.82
C ALA C 72 -21.76 -11.23 5.93
N SER C 73 -22.23 -11.01 4.71
CA SER C 73 -22.29 -12.01 3.68
C SER C 73 -22.27 -11.27 2.38
N LEU C 74 -21.70 -11.89 1.35
CA LEU C 74 -21.68 -11.34 0.00
C LEU C 74 -22.98 -11.65 -0.76
N ASN C 75 -23.95 -12.25 -0.06
CA ASN C 75 -25.36 -12.15 -0.44
C ASN C 75 -26.06 -11.29 0.61
N ALA C 76 -26.33 -10.05 0.30
CA ALA C 76 -26.90 -9.17 1.30
C ALA C 76 -28.18 -9.74 1.93
N ASP C 77 -28.96 -10.51 1.18
CA ASP C 77 -30.17 -11.09 1.74
C ASP C 77 -29.88 -11.97 2.93
N GLU C 78 -28.78 -12.71 2.88
CA GLU C 78 -28.43 -13.55 4.01
C GLU C 78 -28.02 -12.73 5.22
N ALA C 79 -27.42 -11.56 4.98
CA ALA C 79 -27.00 -10.74 6.09
C ALA C 79 -28.29 -10.23 6.77
N ILE C 80 -29.26 -9.83 5.97
CA ILE C 80 -30.48 -9.28 6.56
C ILE C 80 -31.18 -10.38 7.34
N ALA C 81 -31.28 -11.55 6.74
CA ALA C 81 -31.92 -12.70 7.37
C ALA C 81 -31.29 -13.03 8.71
N LEU C 82 -29.96 -13.10 8.71
CA LEU C 82 -29.23 -13.40 9.95
C LEU C 82 -29.42 -12.32 11.00
N ALA C 83 -29.42 -11.07 10.59
CA ALA C 83 -29.59 -9.97 11.52
C ALA C 83 -30.93 -10.22 12.26
N LYS C 84 -32.00 -10.37 11.47
CA LYS C 84 -33.35 -10.57 12.00
C LYS C 84 -33.36 -11.79 12.89
N TYR C 85 -32.63 -12.85 12.53
CA TYR C 85 -32.66 -14.05 13.36
C TYR C 85 -31.92 -13.80 14.63
N ALA C 86 -30.85 -13.00 14.52
CA ALA C 86 -30.06 -12.63 15.69
C ALA C 86 -30.94 -11.83 16.66
N GLU C 87 -31.65 -10.81 16.16
CA GLU C 87 -32.58 -10.08 17.03
C GLU C 87 -33.48 -11.07 17.76
N SER C 88 -34.09 -11.98 17.00
CA SER C 88 -35.09 -12.84 17.58
C SER C 88 -34.56 -13.75 18.64
N ARG C 89 -33.27 -14.03 18.66
CA ARG C 89 -32.72 -14.92 19.73
C ARG C 89 -32.17 -14.13 20.90
N GLY C 90 -32.38 -12.83 20.87
CA GLY C 90 -31.89 -12.00 21.97
C GLY C 90 -30.45 -11.48 21.86
N ALA C 91 -29.86 -11.48 20.66
CA ALA C 91 -28.61 -10.72 20.51
C ALA C 91 -28.87 -9.30 20.95
N GLU C 92 -27.88 -8.68 21.59
CA GLU C 92 -28.02 -7.30 21.95
C GLU C 92 -27.73 -6.34 20.80
N ALA C 93 -27.07 -6.84 19.77
CA ALA C 93 -26.76 -6.02 18.60
C ALA C 93 -26.25 -6.93 17.52
N VAL C 94 -26.25 -6.42 16.28
CA VAL C 94 -25.64 -7.15 15.17
C VAL C 94 -24.49 -6.23 14.68
N ALA C 95 -23.47 -6.83 14.08
CA ALA C 95 -22.38 -6.08 13.44
C ALA C 95 -22.24 -6.59 12.05
N SER C 96 -21.75 -5.75 11.15
CA SER C 96 -21.33 -6.26 9.87
C SER C 96 -20.06 -5.61 9.37
N LEU C 97 -19.19 -6.44 8.80
CA LEU C 97 -18.17 -5.97 7.87
C LEU C 97 -18.84 -5.27 6.77
N PRO C 98 -18.18 -4.26 6.19
CA PRO C 98 -18.69 -3.76 4.94
C PRO C 98 -18.55 -4.83 3.89
N PRO C 99 -19.26 -4.67 2.78
CA PRO C 99 -19.08 -5.52 1.65
C PRO C 99 -17.58 -5.59 1.32
N TYR C 100 -17.05 -6.81 1.38
CA TYR C 100 -15.66 -7.14 1.15
C TYR C 100 -15.42 -7.86 -0.18
N TYR C 101 -14.15 -8.20 -0.43
CA TYR C 101 -13.70 -8.88 -1.67
C TYR C 101 -13.71 -8.02 -2.91
N PHE C 102 -14.90 -7.62 -3.33
CA PHE C 102 -15.08 -6.97 -4.63
C PHE C 102 -14.46 -5.60 -4.56
N PRO C 103 -13.45 -5.35 -5.38
CA PRO C 103 -12.88 -4.01 -5.26
C PRO C 103 -13.78 -2.92 -5.86
N ARG C 104 -14.67 -3.29 -6.74
CA ARG C 104 -15.23 -2.28 -7.62
C ARG C 104 -16.62 -1.81 -7.16
N LEU C 105 -16.69 -1.21 -5.94
CA LEU C 105 -18.00 -0.97 -5.27
C LEU C 105 -18.20 0.49 -4.95
N SER C 106 -19.43 0.95 -5.06
CA SER C 106 -19.66 2.37 -5.02
C SER C 106 -20.09 2.73 -3.61
N GLU C 107 -19.93 3.99 -3.21
CA GLU C 107 -20.47 4.43 -1.94
C GLU C 107 -21.95 4.18 -1.82
N ARG C 108 -22.68 4.35 -2.91
CA ARG C 108 -24.15 4.12 -2.90
C ARG C 108 -24.42 2.69 -2.47
N GLN C 109 -23.65 1.76 -3.00
CA GLN C 109 -23.87 0.36 -2.74
C GLN C 109 -23.48 0.00 -1.30
N ILE C 110 -22.41 0.61 -0.77
CA ILE C 110 -22.01 0.38 0.63
C ILE C 110 -23.01 1.00 1.60
N ALA C 111 -23.39 2.23 1.32
CA ALA C 111 -24.45 2.89 2.09
C ALA C 111 -25.73 2.06 2.10
N LYS C 112 -26.19 1.62 0.93
CA LYS C 112 -27.43 0.79 0.89
C LYS C 112 -27.30 -0.46 1.74
N TYR C 113 -26.16 -1.14 1.67
CA TYR C 113 -26.00 -2.37 2.45
C TYR C 113 -26.23 -2.06 3.93
N PHE C 114 -25.55 -1.05 4.46
CA PHE C 114 -25.75 -0.81 5.92
C PHE C 114 -27.14 -0.31 6.24
N ARG C 115 -27.65 0.57 5.39
CA ARG C 115 -29.02 1.09 5.67
C ARG C 115 -30.06 -0.02 5.66
N ASP C 116 -29.98 -0.97 4.72
CA ASP C 116 -30.92 -2.08 4.72
C ASP C 116 -30.72 -2.92 5.96
N LEU C 117 -29.52 -2.89 6.51
CA LEU C 117 -29.29 -3.69 7.71
C LEU C 117 -30.02 -3.01 8.87
N CYS C 118 -29.82 -1.71 8.97
CA CYS C 118 -30.50 -0.91 10.00
C CYS C 118 -31.99 -1.02 9.88
N SER C 119 -32.54 -1.02 8.68
CA SER C 119 -33.99 -1.18 8.52
C SER C 119 -34.50 -2.51 8.98
N ALA C 120 -33.66 -3.54 8.93
CA ALA C 120 -34.15 -4.90 9.19
C ALA C 120 -34.34 -5.15 10.65
N VAL C 121 -33.75 -4.32 11.52
CA VAL C 121 -33.78 -4.64 12.95
C VAL C 121 -33.97 -3.40 13.81
N SER C 122 -34.28 -3.62 15.09
CA SER C 122 -34.43 -2.54 16.08
C SER C 122 -33.28 -2.52 17.06
N ILE C 123 -32.57 -3.64 17.16
CA ILE C 123 -31.39 -3.65 17.98
C ILE C 123 -30.30 -2.91 17.20
N PRO C 124 -29.28 -2.46 17.89
CA PRO C 124 -28.22 -1.68 17.24
C PRO C 124 -27.37 -2.44 16.21
N VAL C 125 -26.87 -1.70 15.22
CA VAL C 125 -26.05 -2.24 14.15
C VAL C 125 -24.69 -1.61 14.31
N PHE C 126 -23.70 -2.43 14.59
CA PHE C 126 -22.34 -1.98 14.65
C PHE C 126 -21.73 -2.09 13.27
N LEU C 127 -20.92 -1.10 12.90
CA LEU C 127 -19.97 -1.26 11.84
C LEU C 127 -18.79 -2.07 12.38
N TYR C 128 -18.38 -3.10 11.66
CA TYR C 128 -17.20 -3.85 11.99
C TYR C 128 -16.23 -3.49 10.86
N ASN C 129 -15.38 -2.50 11.13
CA ASN C 129 -14.40 -2.01 10.15
C ASN C 129 -13.10 -2.85 10.21
N TYR C 130 -12.59 -3.28 9.07
CA TYR C 130 -11.36 -4.09 9.15
C TYR C 130 -10.72 -4.00 7.78
N PRO C 131 -10.10 -2.84 7.50
CA PRO C 131 -9.63 -2.53 6.19
C PRO C 131 -8.69 -3.55 5.59
N ALA C 132 -7.75 -4.10 6.36
CA ALA C 132 -6.74 -4.98 5.79
C ALA C 132 -7.37 -6.25 5.24
N ALA C 133 -8.44 -6.72 5.88
CA ALA C 133 -9.16 -7.90 5.43
C ALA C 133 -10.24 -7.53 4.40
N VAL C 134 -10.92 -6.43 4.63
CA VAL C 134 -12.08 -6.13 3.85
C VAL C 134 -11.72 -5.51 2.51
N GLY C 135 -10.58 -4.81 2.46
CA GLY C 135 -10.13 -4.18 1.20
C GLY C 135 -10.68 -2.76 1.07
N ARG C 136 -11.31 -2.23 2.11
CA ARG C 136 -12.10 -1.00 2.03
C ARG C 136 -12.18 -0.50 3.46
N ASP C 137 -12.13 0.82 3.67
CA ASP C 137 -12.27 1.38 5.01
C ASP C 137 -13.54 2.21 5.07
N VAL C 138 -14.34 2.01 6.11
CA VAL C 138 -15.47 2.91 6.33
C VAL C 138 -15.14 3.77 7.55
N ASP C 139 -14.58 4.94 7.32
CA ASP C 139 -14.05 5.69 8.42
C ASP C 139 -15.14 6.38 9.18
N ALA C 140 -14.76 7.16 10.18
CA ALA C 140 -15.69 7.71 11.13
C ALA C 140 -16.64 8.62 10.41
N ARG C 141 -16.12 9.37 9.45
CA ARG C 141 -16.92 10.33 8.71
C ARG C 141 -17.97 9.61 7.86
N ALA C 142 -17.51 8.56 7.19
CA ALA C 142 -18.33 7.74 6.34
C ALA C 142 -19.35 7.04 7.19
N ALA C 143 -18.94 6.58 8.38
CA ALA C 143 -19.85 5.93 9.30
C ALA C 143 -20.96 6.88 9.79
N LYS C 144 -20.62 8.14 10.07
CA LYS C 144 -21.64 9.10 10.48
C LYS C 144 -22.64 9.36 9.33
N GLU C 145 -22.09 9.47 8.12
CA GLU C 145 -22.89 9.62 6.89
C GLU C 145 -23.95 8.53 6.69
N LEU C 146 -23.71 7.35 7.23
CA LEU C 146 -24.61 6.26 7.00
C LEU C 146 -25.88 6.52 7.78
N GLY C 147 -25.77 7.29 8.86
CA GLY C 147 -26.94 7.80 9.59
C GLY C 147 -27.60 6.81 10.54
N CYS C 148 -27.08 5.59 10.66
CA CYS C 148 -27.71 4.63 11.56
C CYS C 148 -26.77 3.71 12.41
N ILE C 149 -25.46 3.97 12.39
CA ILE C 149 -24.50 3.16 13.13
C ILE C 149 -24.55 3.43 14.61
N ARG C 150 -24.76 2.40 15.40
CA ARG C 150 -24.80 2.62 16.86
C ARG C 150 -23.57 2.09 17.59
N GLY C 151 -22.60 1.64 16.82
CA GLY C 151 -21.41 1.07 17.45
C GLY C 151 -20.39 0.80 16.38
N VAL C 152 -19.13 0.59 16.78
CA VAL C 152 -18.06 0.34 15.81
C VAL C 152 -17.08 -0.58 16.43
N LYS C 153 -16.69 -1.61 15.71
CA LYS C 153 -15.48 -2.36 16.08
C LYS C 153 -14.53 -2.08 14.95
N ASP C 154 -13.35 -1.54 15.27
CA ASP C 154 -12.42 -1.08 14.28
C ASP C 154 -11.20 -1.91 14.52
N THR C 155 -10.95 -2.89 13.64
CA THR C 155 -9.72 -3.67 13.70
C THR C 155 -8.69 -2.89 12.91
N ASN C 156 -7.87 -2.15 13.64
CA ASN C 156 -7.04 -1.13 13.00
C ASN C 156 -5.92 -0.82 13.97
N GLU C 157 -4.70 -0.91 13.46
CA GLU C 157 -3.46 -0.52 14.14
C GLU C 157 -3.44 1.00 14.33
N SER C 158 -4.31 1.74 13.65
CA SER C 158 -4.31 3.14 13.90
C SER C 158 -5.28 3.47 15.01
N LEU C 159 -4.76 3.64 16.22
CA LEU C 159 -5.62 4.04 17.31
C LEU C 159 -6.39 5.35 17.06
N ALA C 160 -5.81 6.24 16.29
CA ALA C 160 -6.45 7.51 15.99
C ALA C 160 -7.68 7.28 15.13
N HIS C 161 -7.54 6.39 14.15
CA HIS C 161 -8.67 6.03 13.29
C HIS C 161 -9.81 5.60 14.20
N THR C 162 -9.52 4.78 15.19
CA THR C 162 -10.60 4.28 16.04
C THR C 162 -11.23 5.38 16.93
N LEU C 163 -10.38 6.19 17.52
CA LEU C 163 -10.84 7.31 18.34
C LEU C 163 -11.70 8.21 17.48
N ALA C 164 -11.41 8.27 16.19
CA ALA C 164 -12.18 9.16 15.31
C ALA C 164 -13.66 8.89 15.34
N TYR C 165 -14.06 7.64 15.60
CA TYR C 165 -15.47 7.33 15.62
C TYR C 165 -16.14 7.87 16.84
N LYS C 166 -15.42 8.08 17.94
CA LYS C 166 -16.08 8.62 19.14
C LYS C 166 -16.32 10.09 18.93
N ARG C 167 -15.42 10.72 18.17
CA ARG C 167 -15.54 12.11 17.83
C ARG C 167 -16.72 12.32 16.88
N TYR C 168 -16.80 11.49 15.85
CA TYR C 168 -17.84 11.65 14.86
C TYR C 168 -19.14 11.04 15.29
N LEU C 169 -19.09 10.06 16.18
CA LEU C 169 -20.33 9.42 16.67
C LEU C 169 -20.27 9.25 18.19
N PRO C 170 -20.51 10.36 18.96
CA PRO C 170 -20.30 10.45 20.42
C PRO C 170 -21.18 9.48 21.21
N GLN C 171 -22.30 9.07 20.64
CA GLN C 171 -23.21 8.19 21.35
C GLN C 171 -23.00 6.70 21.05
N ALA C 172 -22.22 6.40 20.03
CA ALA C 172 -21.87 5.02 19.67
C ALA C 172 -20.92 4.35 20.67
N ARG C 173 -21.09 3.05 20.88
CA ARG C 173 -20.06 2.25 21.52
C ARG C 173 -18.93 1.98 20.53
N VAL C 174 -17.71 2.40 20.89
CA VAL C 174 -16.60 2.20 20.01
C VAL C 174 -15.55 1.36 20.67
N TYR C 175 -15.17 0.29 19.96
CA TYR C 175 -14.26 -0.74 20.39
C TYR C 175 -13.11 -0.87 19.41
N ASN C 176 -11.92 -1.15 19.91
CA ASN C 176 -10.83 -1.40 18.99
C ASN C 176 -10.65 -2.90 18.86
N GLY C 177 -10.51 -3.38 17.64
CA GLY C 177 -10.38 -4.79 17.43
C GLY C 177 -8.98 -5.35 17.42
N SER C 178 -8.00 -4.57 17.85
CA SER C 178 -6.65 -5.05 17.70
C SER C 178 -6.02 -5.54 19.03
N ASP C 179 -5.42 -6.74 19.02
CA ASP C 179 -4.87 -7.29 20.26
C ASP C 179 -3.72 -6.48 20.77
N SER C 180 -3.00 -5.85 19.86
CA SER C 180 -1.83 -5.08 20.24
C SER C 180 -2.20 -3.72 20.84
N LEU C 181 -3.48 -3.34 20.86
CA LEU C 181 -3.89 -2.06 21.43
C LEU C 181 -4.84 -2.17 22.64
N VAL C 182 -4.87 -3.33 23.28
CA VAL C 182 -5.77 -3.52 24.37
C VAL C 182 -5.40 -2.52 25.45
N PHE C 183 -4.16 -2.58 25.90
CA PHE C 183 -3.64 -1.59 26.85
C PHE C 183 -3.98 -0.15 26.43
N ALA C 184 -3.60 0.22 25.20
CA ALA C 184 -3.93 1.58 24.75
C ALA C 184 -5.40 1.94 24.77
N SER C 185 -6.26 0.99 24.40
CA SER C 185 -7.68 1.31 24.28
C SER C 185 -8.25 1.58 25.65
N PHE C 186 -7.83 0.79 26.67
CA PHE C 186 -8.34 1.07 28.01
C PHE C 186 -7.84 2.43 28.44
N ALA C 187 -6.57 2.74 28.12
CA ALA C 187 -5.92 3.96 28.56
C ALA C 187 -6.60 5.18 28.00
N VAL C 188 -7.10 5.11 26.75
CA VAL C 188 -7.76 6.28 26.14
C VAL C 188 -9.24 6.22 26.35
N ARG C 189 -9.67 5.15 27.05
CA ARG C 189 -11.10 5.00 27.38
C ARG C 189 -12.02 4.87 26.18
N LEU C 190 -11.63 4.01 25.23
CA LEU C 190 -12.64 3.50 24.29
C LEU C 190 -13.66 2.75 25.14
N ASP C 191 -14.78 2.37 24.55
CA ASP C 191 -15.77 1.62 25.28
C ASP C 191 -15.37 0.21 25.54
N GLY C 192 -14.32 -0.25 24.87
CA GLY C 192 -13.80 -1.56 25.17
C GLY C 192 -12.99 -2.10 24.01
N VAL C 193 -12.65 -3.37 24.11
CA VAL C 193 -11.81 -4.01 23.12
C VAL C 193 -12.52 -5.25 22.59
N VAL C 194 -12.39 -5.53 21.30
CA VAL C 194 -12.78 -6.84 20.80
C VAL C 194 -11.49 -7.50 20.38
N ALA C 195 -10.98 -8.41 21.20
CA ALA C 195 -9.66 -8.92 21.02
C ALA C 195 -9.69 -10.44 20.88
N SER C 196 -9.08 -10.93 19.79
CA SER C 196 -9.00 -12.36 19.57
C SER C 196 -8.46 -13.10 20.81
N SER C 197 -7.58 -12.46 21.55
CA SER C 197 -6.87 -13.13 22.64
C SER C 197 -7.82 -13.36 23.80
N ALA C 198 -8.99 -12.74 23.74
CA ALA C 198 -10.04 -13.04 24.72
C ALA C 198 -10.50 -14.52 24.68
N ASN C 199 -10.21 -15.21 23.60
CA ASN C 199 -10.46 -16.62 23.55
C ASN C 199 -9.55 -17.43 24.44
N TYR C 200 -8.30 -17.00 24.59
CA TYR C 200 -7.34 -17.86 25.24
C TYR C 200 -6.74 -17.25 26.48
N LEU C 201 -6.75 -15.91 26.59
CA LEU C 201 -6.22 -15.25 27.79
C LEU C 201 -7.10 -14.10 28.19
N PRO C 202 -8.38 -14.38 28.43
CA PRO C 202 -9.30 -13.35 28.91
C PRO C 202 -8.80 -12.79 30.28
N GLU C 203 -8.11 -13.58 31.09
CA GLU C 203 -7.68 -13.05 32.38
C GLU C 203 -6.46 -12.11 32.22
N LEU C 204 -5.64 -12.32 31.20
CA LEU C 204 -4.64 -11.30 30.85
C LEU C 204 -5.32 -10.02 30.43
N LEU C 205 -6.30 -10.06 29.53
CA LEU C 205 -7.01 -8.82 29.19
C LEU C 205 -7.63 -8.17 30.43
N ALA C 206 -8.29 -8.94 31.30
CA ALA C 206 -8.87 -8.34 32.54
C ALA C 206 -7.76 -7.75 33.43
N GLY C 207 -6.63 -8.44 33.52
CA GLY C 207 -5.45 -7.95 34.25
C GLY C 207 -4.99 -6.61 33.69
N ILE C 208 -5.05 -6.44 32.36
CA ILE C 208 -4.62 -5.15 31.76
C ILE C 208 -5.66 -4.10 32.11
N ARG C 209 -6.92 -4.48 32.09
CA ARG C 209 -7.94 -3.49 32.33
C ARG C 209 -7.80 -3.06 33.81
N ASP C 210 -7.65 -4.03 34.74
CA ASP C 210 -7.49 -3.71 36.17
C ASP C 210 -6.28 -2.76 36.36
N ALA C 211 -5.17 -3.12 35.73
CA ALA C 211 -3.94 -2.38 35.89
C ALA C 211 -4.15 -0.98 35.46
N VAL C 212 -4.79 -0.78 34.30
CA VAL C 212 -5.04 0.59 33.82
C VAL C 212 -5.95 1.38 34.80
N ALA C 213 -6.99 0.74 35.30
CA ALA C 213 -7.90 1.41 36.27
C ALA C 213 -7.12 1.68 37.57
N ALA C 214 -6.23 0.78 37.96
CA ALA C 214 -5.44 1.03 39.19
C ALA C 214 -4.37 2.07 38.94
N GLY C 215 -4.38 2.68 37.77
CA GLY C 215 -3.31 3.56 37.35
C GLY C 215 -1.96 2.90 37.32
N ASP C 216 -1.91 1.59 37.31
CA ASP C 216 -0.62 0.91 37.27
C ASP C 216 -0.20 0.71 35.81
N ILE C 217 0.08 1.81 35.11
CA ILE C 217 0.37 1.78 33.68
C ILE C 217 1.53 0.84 33.31
N GLU C 218 2.53 0.79 34.16
CA GLU C 218 3.68 -0.05 33.87
C GLU C 218 3.33 -1.54 33.85
N ARG C 219 2.43 -2.01 34.70
CA ARG C 219 1.98 -3.41 34.66
C ARG C 219 1.08 -3.63 33.42
N ALA C 220 0.14 -2.72 33.19
CA ALA C 220 -0.67 -2.74 32.00
C ALA C 220 0.17 -3.00 30.75
N ARG C 221 1.28 -2.27 30.62
CA ARG C 221 2.05 -2.22 29.39
C ARG C 221 2.83 -3.49 29.31
N SER C 222 3.30 -3.93 30.45
CA SER C 222 4.09 -5.14 30.49
C SER C 222 3.24 -6.41 30.26
N LEU C 223 1.97 -6.39 30.65
CA LEU C 223 1.07 -7.49 30.32
C LEU C 223 0.81 -7.42 28.80
N GLN C 224 0.58 -6.21 28.30
CA GLN C 224 0.38 -6.04 26.86
C GLN C 224 1.55 -6.62 26.06
N PHE C 225 2.79 -6.42 26.53
CA PHE C 225 3.97 -6.86 25.74
C PHE C 225 4.09 -8.36 25.79
N LEU C 226 3.65 -8.92 26.91
CA LEU C 226 3.58 -10.36 27.07
C LEU C 226 2.56 -10.90 26.08
N LEU C 227 1.39 -10.29 26.06
CA LEU C 227 0.41 -10.66 25.06
C LEU C 227 1.02 -10.55 23.68
N ASP C 228 1.79 -9.48 23.37
CA ASP C 228 2.26 -9.28 21.99
C ASP C 228 3.17 -10.44 21.57
N GLU C 229 3.98 -10.93 22.51
CA GLU C 229 4.93 -11.99 22.22
C GLU C 229 4.18 -13.22 21.85
N ILE C 230 3.06 -13.46 22.52
CA ILE C 230 2.27 -14.64 22.24
C ILE C 230 1.56 -14.52 20.87
N VAL C 231 0.90 -13.39 20.64
CA VAL C 231 0.33 -13.12 19.34
C VAL C 231 1.34 -13.24 18.21
N GLU C 232 2.55 -12.72 18.41
CA GLU C 232 3.55 -12.81 17.34
C GLU C 232 3.95 -14.22 17.03
N SER C 233 4.03 -15.06 18.06
CA SER C 233 4.35 -16.47 17.80
C SER C 233 3.23 -17.10 16.98
N ALA C 234 2.00 -16.91 17.45
CA ALA C 234 0.85 -17.41 16.73
C ALA C 234 0.82 -16.89 15.25
N ARG C 235 1.18 -15.63 15.02
CA ARG C 235 1.17 -15.08 13.69
C ARG C 235 2.12 -15.83 12.80
N HIS C 236 3.24 -16.22 13.35
CA HIS C 236 4.21 -16.93 12.57
C HIS C 236 3.68 -18.22 11.94
N ILE C 237 2.88 -19.01 12.66
CA ILE C 237 2.47 -20.32 12.05
C ILE C 237 1.09 -20.27 11.40
N GLY C 238 0.42 -19.12 11.45
CA GLY C 238 -0.91 -19.02 10.87
C GLY C 238 -1.89 -18.66 11.96
N TYR C 239 -2.16 -17.37 12.11
CA TYR C 239 -2.82 -16.92 13.31
C TYR C 239 -4.20 -17.54 13.48
N ALA C 240 -4.96 -17.56 12.39
CA ALA C 240 -6.36 -18.00 12.43
C ALA C 240 -6.55 -19.40 13.05
N ALA C 241 -5.69 -20.32 12.66
CA ALA C 241 -5.67 -21.68 13.13
C ALA C 241 -5.00 -21.72 14.49
N ALA C 242 -4.02 -20.84 14.71
CA ALA C 242 -3.25 -20.95 15.97
C ALA C 242 -4.09 -20.53 17.13
N VAL C 243 -5.07 -19.67 16.91
CA VAL C 243 -5.90 -19.28 18.05
C VAL C 243 -6.46 -20.54 18.77
N TYR C 244 -7.01 -21.50 18.02
CA TYR C 244 -7.53 -22.72 18.63
C TYR C 244 -6.50 -23.34 19.56
N GLU C 245 -5.29 -23.50 19.07
CA GLU C 245 -4.29 -24.14 19.87
C GLU C 245 -3.95 -23.35 21.09
N LEU C 246 -4.05 -22.02 21.00
CA LEU C 246 -3.71 -21.19 22.14
C LEU C 246 -4.77 -21.34 23.22
N VAL C 247 -5.98 -21.61 22.79
CA VAL C 247 -7.05 -21.92 23.74
C VAL C 247 -6.71 -23.18 24.52
N GLU C 248 -6.26 -24.21 23.81
CA GLU C 248 -5.88 -25.43 24.47
C GLU C 248 -4.72 -25.22 25.40
N ILE C 249 -3.67 -24.60 24.90
CA ILE C 249 -2.52 -24.30 25.72
C ILE C 249 -2.89 -23.51 26.99
N PHE C 250 -3.67 -22.44 26.87
CA PHE C 250 -3.86 -21.61 28.04
C PHE C 250 -5.12 -21.93 28.80
N GLN C 251 -6.15 -22.47 28.15
CA GLN C 251 -7.43 -22.71 28.87
C GLN C 251 -7.57 -24.19 29.27
N GLY C 252 -6.88 -25.08 28.58
CA GLY C 252 -6.70 -26.43 29.09
C GLY C 252 -7.69 -27.42 28.54
N TYR C 253 -8.54 -26.99 27.60
CA TYR C 253 -9.49 -27.90 27.00
C TYR C 253 -9.44 -27.93 25.45
N GLU C 254 -10.19 -28.85 24.85
CA GLU C 254 -10.15 -29.08 23.41
C GLU C 254 -10.95 -27.97 22.80
N ALA C 255 -10.33 -27.19 21.93
CA ALA C 255 -10.99 -26.05 21.26
C ALA C 255 -11.60 -26.40 19.88
N GLY C 256 -11.39 -27.63 19.43
CA GLY C 256 -11.87 -28.00 18.12
C GLY C 256 -10.92 -27.31 17.19
N GLU C 257 -11.41 -26.93 16.01
CA GLU C 257 -10.45 -26.61 14.99
C GLU C 257 -11.05 -25.82 13.87
N PRO C 258 -10.22 -25.10 13.03
CA PRO C 258 -10.78 -24.31 11.95
C PRO C 258 -11.14 -25.21 10.82
N ARG C 259 -11.41 -24.67 9.66
CA ARG C 259 -11.76 -25.49 8.51
C ARG C 259 -11.06 -24.94 7.28
N GLY C 260 -10.47 -25.79 6.48
CA GLY C 260 -9.84 -25.33 5.30
C GLY C 260 -10.60 -24.53 4.26
N PRO C 261 -10.06 -23.36 3.87
CA PRO C 261 -8.65 -23.20 3.44
C PRO C 261 -7.90 -22.72 4.74
N VAL C 262 -8.65 -22.42 5.82
CA VAL C 262 -8.00 -22.15 7.09
C VAL C 262 -7.78 -23.48 7.78
N TYR C 263 -6.82 -24.29 7.29
CA TYR C 263 -6.61 -25.66 7.75
C TYR C 263 -6.07 -25.66 9.12
N PRO C 264 -6.44 -26.69 9.92
CA PRO C 264 -5.97 -26.75 11.30
C PRO C 264 -4.46 -26.84 11.37
N LEU C 265 -3.85 -26.28 12.41
CA LEU C 265 -2.42 -26.53 12.61
C LEU C 265 -2.11 -28.00 12.53
N ASP C 266 -0.99 -28.38 11.94
CA ASP C 266 -0.62 -29.78 11.98
C ASP C 266 0.15 -30.02 13.31
N PRO C 267 0.49 -31.29 13.62
CA PRO C 267 1.07 -31.51 14.94
C PRO C 267 2.43 -30.84 15.15
N GLU C 268 3.24 -30.69 14.11
CA GLU C 268 4.53 -30.03 14.26
C GLU C 268 4.37 -28.56 14.57
N GLU C 269 3.38 -27.92 13.95
CA GLU C 269 3.07 -26.49 14.18
C GLU C 269 2.52 -26.28 15.57
N LYS C 270 1.71 -27.22 16.07
CA LYS C 270 1.17 -27.15 17.43
C LYS C 270 2.29 -27.25 18.45
N ALA C 271 3.22 -28.15 18.18
CA ALA C 271 4.36 -28.38 19.06
C ALA C 271 5.25 -27.18 19.05
N TRP C 272 5.46 -26.61 17.86
CA TRP C 272 6.27 -25.39 17.79
C TRP C 272 5.61 -24.29 18.62
N LEU C 273 4.34 -24.03 18.37
CA LEU C 273 3.68 -22.96 19.07
C LEU C 273 3.69 -23.17 20.59
N ARG C 274 3.52 -24.42 21.07
CA ARG C 274 3.49 -24.64 22.52
C ARG C 274 4.81 -24.20 23.11
N ALA C 275 5.90 -24.57 22.44
CA ALA C 275 7.22 -24.23 22.93
C ALA C 275 7.50 -22.72 22.79
N ALA C 276 6.96 -22.10 21.75
CA ALA C 276 7.13 -20.65 21.52
C ALA C 276 6.43 -19.80 22.57
N VAL C 277 5.29 -20.23 23.03
CA VAL C 277 4.62 -19.43 24.06
C VAL C 277 5.08 -19.82 25.48
N ALA C 278 5.84 -20.90 25.63
CA ALA C 278 6.20 -21.37 26.96
C ALA C 278 6.94 -20.31 27.77
N LYS C 279 7.97 -19.66 27.21
CA LYS C 279 8.66 -18.59 27.97
C LYS C 279 7.71 -17.58 28.60
N ALA C 280 6.91 -16.95 27.73
CA ALA C 280 5.89 -15.99 28.14
C ALA C 280 4.73 -16.61 28.94
N LYS C 281 4.46 -17.89 28.78
CA LYS C 281 3.40 -18.55 29.54
C LYS C 281 3.76 -18.63 31.02
N SER C 282 5.00 -19.01 31.32
CA SER C 282 5.43 -19.17 32.70
C SER C 282 5.54 -17.83 33.45
N GLN C 283 5.48 -16.72 32.71
CA GLN C 283 5.66 -15.39 33.32
C GLN C 283 4.39 -14.59 33.60
N LEU C 284 3.26 -15.25 33.84
CA LEU C 284 1.98 -14.53 33.98
C LEU C 284 1.58 -14.17 35.44
N MET D 1 -4.08 -16.38 -29.84
CA MET D 1 -4.25 -15.71 -28.53
C MET D 1 -5.73 -15.50 -28.23
N GLU D 2 -6.13 -15.91 -27.04
CA GLU D 2 -7.57 -16.09 -26.79
C GLU D 2 -8.16 -14.89 -26.09
N ILE D 3 -9.42 -14.63 -26.36
CA ILE D 3 -10.18 -13.71 -25.59
C ILE D 3 -11.07 -14.56 -24.68
N VAL D 4 -10.84 -14.46 -23.36
CA VAL D 4 -11.61 -15.21 -22.38
C VAL D 4 -12.55 -14.20 -21.73
N ALA D 5 -13.83 -14.53 -21.60
CA ALA D 5 -14.80 -13.66 -20.98
C ALA D 5 -15.09 -14.12 -19.54
N PRO D 6 -14.83 -13.24 -18.53
CA PRO D 6 -15.24 -13.50 -17.17
C PRO D 6 -16.69 -13.08 -17.22
N VAL D 7 -17.57 -14.06 -17.50
CA VAL D 7 -18.87 -13.69 -17.99
C VAL D 7 -19.69 -13.23 -16.79
N ILE D 8 -20.57 -12.23 -16.95
CA ILE D 8 -21.38 -11.78 -15.82
C ILE D 8 -22.44 -12.83 -15.47
N THR D 9 -22.84 -12.84 -14.22
CA THR D 9 -23.86 -13.69 -13.73
C THR D 9 -25.16 -12.90 -13.64
N THR D 10 -26.15 -13.50 -14.24
CA THR D 10 -27.24 -12.73 -14.75
C THR D 10 -28.46 -13.00 -13.87
N PHE D 11 -28.74 -12.14 -12.89
CA PHE D 11 -29.84 -12.39 -11.96
C PHE D 11 -31.04 -11.66 -12.49
N ARG D 12 -32.22 -12.19 -12.20
CA ARG D 12 -33.44 -11.44 -12.53
C ARG D 12 -34.42 -11.71 -11.43
N GLY D 13 -35.11 -10.67 -10.96
CA GLY D 13 -35.90 -10.82 -9.73
C GLY D 13 -34.99 -10.72 -8.50
N GLY D 14 -34.16 -11.73 -8.29
CA GLY D 14 -33.20 -11.76 -7.16
C GLY D 14 -32.50 -13.10 -7.29
N ARG D 15 -32.97 -13.86 -8.29
CA ARG D 15 -32.50 -15.22 -8.54
C ARG D 15 -31.82 -15.40 -9.88
N LEU D 16 -30.97 -16.39 -9.94
CA LEU D 16 -30.20 -16.60 -11.14
C LEU D 16 -31.15 -16.88 -12.29
N ASP D 17 -30.95 -16.19 -13.41
CA ASP D 17 -31.68 -16.48 -14.63
C ASP D 17 -30.78 -17.08 -15.70
N PRO D 18 -30.77 -18.41 -15.81
CA PRO D 18 -29.84 -19.15 -16.66
C PRO D 18 -30.08 -18.95 -18.15
N GLU D 19 -31.20 -18.35 -18.52
CA GLU D 19 -31.50 -18.16 -19.91
C GLU D 19 -31.08 -16.76 -20.40
N LEU D 20 -31.06 -15.76 -19.52
CA LEU D 20 -30.36 -14.52 -19.88
C LEU D 20 -28.90 -14.93 -20.08
N PHE D 21 -28.42 -15.80 -19.20
CA PHE D 21 -27.02 -16.13 -19.14
C PHE D 21 -26.59 -16.75 -20.43
N ALA D 22 -27.29 -17.81 -20.83
CA ALA D 22 -27.04 -18.47 -22.12
C ALA D 22 -27.22 -17.54 -23.33
N ASN D 23 -28.29 -16.77 -23.42
CA ASN D 23 -28.38 -15.81 -24.54
C ASN D 23 -27.07 -15.02 -24.54
N HIS D 24 -26.63 -14.59 -23.36
CA HIS D 24 -25.50 -13.71 -23.29
C HIS D 24 -24.24 -14.45 -23.73
N VAL D 25 -23.98 -15.61 -23.18
CA VAL D 25 -22.81 -16.36 -23.62
C VAL D 25 -22.83 -16.60 -25.12
N LYS D 26 -23.99 -16.92 -25.67
CA LYS D 26 -24.03 -17.29 -27.09
C LYS D 26 -23.67 -16.09 -27.93
N ASN D 27 -24.21 -14.94 -27.58
CA ASN D 27 -23.85 -13.74 -28.29
C ASN D 27 -22.33 -13.43 -28.27
N ILE D 28 -21.74 -13.26 -27.10
CA ILE D 28 -20.34 -12.89 -27.03
C ILE D 28 -19.45 -13.95 -27.66
N THR D 29 -19.85 -15.21 -27.61
CA THR D 29 -19.01 -16.26 -28.21
C THR D 29 -19.09 -16.17 -29.72
N SER D 30 -20.17 -15.58 -30.25
CA SER D 30 -20.22 -15.38 -31.68
C SER D 30 -19.53 -14.05 -32.12
N LYS D 31 -19.19 -13.21 -31.12
CA LYS D 31 -18.60 -11.91 -31.37
C LYS D 31 -17.12 -11.85 -31.01
N GLY D 32 -16.48 -13.00 -30.88
CA GLY D 32 -15.03 -13.09 -30.65
C GLY D 32 -14.49 -13.77 -29.38
N VAL D 33 -15.38 -14.04 -28.43
CA VAL D 33 -14.98 -14.66 -27.19
C VAL D 33 -14.65 -16.12 -27.48
N ASP D 34 -13.45 -16.55 -27.09
CA ASP D 34 -13.00 -17.91 -27.30
C ASP D 34 -13.32 -18.84 -26.12
N VAL D 35 -13.32 -18.34 -24.88
CA VAL D 35 -13.52 -19.20 -23.72
C VAL D 35 -14.39 -18.48 -22.71
N VAL D 36 -15.34 -19.20 -22.13
CA VAL D 36 -16.16 -18.66 -21.09
C VAL D 36 -15.54 -18.97 -19.72
N PHE D 37 -15.36 -17.93 -18.90
CA PHE D 37 -14.72 -18.09 -17.59
C PHE D 37 -15.85 -17.79 -16.63
N VAL D 38 -16.44 -18.86 -16.09
CA VAL D 38 -17.69 -18.70 -15.34
C VAL D 38 -17.47 -18.49 -13.83
N ALA D 39 -18.27 -17.59 -13.26
CA ALA D 39 -18.17 -17.37 -11.81
C ALA D 39 -16.87 -16.67 -11.35
N GLY D 40 -16.26 -15.86 -12.25
CA GLY D 40 -15.13 -15.06 -11.87
C GLY D 40 -15.58 -13.92 -11.01
N THR D 41 -14.70 -12.95 -10.84
CA THR D 41 -15.01 -11.78 -10.02
C THR D 41 -16.07 -11.01 -10.75
N THR D 42 -15.90 -10.78 -12.05
CA THR D 42 -16.97 -10.15 -12.84
C THR D 42 -18.27 -10.97 -12.73
N GLY D 43 -18.20 -12.29 -12.59
CA GLY D 43 -19.45 -13.07 -12.43
C GLY D 43 -19.87 -13.18 -10.97
N LEU D 44 -19.22 -12.41 -10.11
CA LEU D 44 -19.66 -12.35 -8.72
C LEU D 44 -19.41 -13.66 -8.01
N GLY D 45 -18.46 -14.46 -8.51
CA GLY D 45 -18.16 -15.75 -7.97
C GLY D 45 -18.33 -15.86 -6.46
N PRO D 46 -17.50 -15.12 -5.71
CA PRO D 46 -17.53 -15.08 -4.27
C PRO D 46 -18.90 -14.76 -3.62
N ALA D 47 -19.85 -14.22 -4.35
CA ALA D 47 -21.13 -13.92 -3.72
C ALA D 47 -22.12 -15.04 -4.03
N LEU D 48 -21.66 -16.07 -4.72
CA LEU D 48 -22.58 -17.11 -5.23
C LEU D 48 -22.52 -18.37 -4.36
N SER D 49 -23.67 -19.02 -4.17
CA SER D 49 -23.75 -20.25 -3.42
C SER D 49 -23.22 -21.38 -4.29
N LEU D 50 -22.88 -22.51 -3.68
CA LEU D 50 -22.35 -23.63 -4.44
C LEU D 50 -23.38 -23.99 -5.51
N GLN D 51 -24.65 -23.97 -5.14
CA GLN D 51 -25.72 -24.40 -6.05
C GLN D 51 -25.79 -23.45 -7.24
N GLU D 52 -25.78 -22.16 -6.95
CA GLU D 52 -25.69 -21.14 -7.97
C GLU D 52 -24.51 -21.33 -8.91
N LYS D 53 -23.33 -21.68 -8.40
CA LYS D 53 -22.16 -21.87 -9.26
C LYS D 53 -22.33 -23.11 -10.09
N MET D 54 -23.06 -24.08 -9.49
CA MET D 54 -23.46 -25.30 -10.23
C MET D 54 -24.40 -25.01 -11.42
N GLU D 55 -25.38 -24.17 -11.19
CA GLU D 55 -26.37 -23.86 -12.19
C GLU D 55 -25.70 -23.06 -13.27
N LEU D 56 -24.76 -22.21 -12.86
CA LEU D 56 -24.03 -21.37 -13.76
C LEU D 56 -23.13 -22.27 -14.55
N THR D 57 -22.55 -23.28 -13.94
CA THR D 57 -21.74 -24.23 -14.76
C THR D 57 -22.54 -24.97 -15.86
N ASP D 58 -23.80 -25.29 -15.51
CA ASP D 58 -24.65 -26.06 -16.40
C ASP D 58 -24.92 -25.06 -17.50
N ALA D 59 -25.35 -23.84 -17.18
CA ALA D 59 -25.69 -22.93 -18.29
C ALA D 59 -24.50 -22.68 -19.24
N ALA D 60 -23.32 -22.38 -18.68
CA ALA D 60 -22.11 -22.19 -19.49
C ALA D 60 -21.84 -23.39 -20.37
N THR D 61 -21.83 -24.56 -19.76
CA THR D 61 -21.35 -25.74 -20.49
C THR D 61 -22.44 -26.11 -21.50
N SER D 62 -23.65 -25.56 -21.33
CA SER D 62 -24.69 -25.70 -22.35
C SER D 62 -24.57 -24.72 -23.52
N ALA D 63 -24.13 -23.50 -23.21
CA ALA D 63 -24.13 -22.40 -24.16
C ALA D 63 -22.84 -22.32 -24.94
N ALA D 64 -21.77 -22.96 -24.46
CA ALA D 64 -20.43 -22.75 -24.95
C ALA D 64 -19.65 -24.03 -24.91
N ARG D 65 -18.70 -24.14 -25.85
CA ARG D 65 -17.88 -25.31 -26.05
C ARG D 65 -16.62 -25.32 -25.17
N ARG D 66 -16.19 -24.15 -24.71
CA ARG D 66 -14.98 -24.04 -23.90
C ARG D 66 -15.28 -23.25 -22.64
N VAL D 67 -15.29 -23.94 -21.50
CA VAL D 67 -15.68 -23.32 -20.25
C VAL D 67 -14.62 -23.60 -19.19
N ILE D 68 -14.23 -22.55 -18.45
CA ILE D 68 -13.31 -22.75 -17.32
C ILE D 68 -14.20 -22.27 -16.21
N VAL D 69 -14.31 -23.02 -15.12
CA VAL D 69 -15.22 -22.59 -14.04
C VAL D 69 -14.35 -22.19 -12.88
N GLN D 70 -14.64 -21.01 -12.33
CA GLN D 70 -13.91 -20.55 -11.21
C GLN D 70 -14.56 -21.05 -9.90
N VAL D 71 -13.79 -21.77 -9.09
CA VAL D 71 -14.44 -22.49 -8.01
C VAL D 71 -14.10 -22.00 -6.58
N ALA D 72 -13.31 -20.96 -6.41
CA ALA D 72 -12.89 -20.61 -5.05
C ALA D 72 -14.06 -20.56 -4.11
N SER D 73 -13.80 -20.98 -2.88
CA SER D 73 -14.79 -20.83 -1.83
C SER D 73 -14.01 -20.74 -0.53
N LEU D 74 -14.56 -20.00 0.43
CA LEU D 74 -13.93 -19.96 1.75
C LEU D 74 -14.27 -21.21 2.59
N ASN D 75 -14.96 -22.17 1.97
CA ASN D 75 -15.04 -23.55 2.45
C ASN D 75 -14.42 -24.41 1.37
N ALA D 76 -13.20 -24.87 1.61
CA ALA D 76 -12.45 -25.53 0.57
C ALA D 76 -13.15 -26.78 0.03
N ASP D 77 -14.02 -27.38 0.83
CA ASP D 77 -14.79 -28.53 0.39
C ASP D 77 -15.75 -28.14 -0.72
N GLU D 78 -16.36 -26.95 -0.65
CA GLU D 78 -17.19 -26.49 -1.75
C GLU D 78 -16.42 -26.17 -3.00
N ALA D 79 -15.14 -25.86 -2.87
CA ALA D 79 -14.31 -25.61 -4.02
C ALA D 79 -14.03 -26.93 -4.70
N ILE D 80 -13.65 -27.91 -3.91
CA ILE D 80 -13.41 -29.26 -4.45
C ILE D 80 -14.67 -29.85 -5.05
N ALA D 81 -15.80 -29.74 -4.35
CA ALA D 81 -17.05 -30.30 -4.85
C ALA D 81 -17.40 -29.65 -6.20
N LEU D 82 -17.24 -28.35 -6.33
CA LEU D 82 -17.57 -27.70 -7.59
C LEU D 82 -16.59 -28.10 -8.69
N ALA D 83 -15.34 -28.27 -8.32
CA ALA D 83 -14.40 -28.65 -9.32
C ALA D 83 -14.86 -29.98 -9.96
N LYS D 84 -15.22 -30.96 -9.13
CA LYS D 84 -15.63 -32.25 -9.62
C LYS D 84 -16.89 -32.06 -10.42
N TYR D 85 -17.83 -31.24 -9.97
CA TYR D 85 -19.03 -30.99 -10.75
C TYR D 85 -18.75 -30.38 -12.07
N ALA D 86 -17.87 -29.35 -12.09
CA ALA D 86 -17.43 -28.70 -13.33
C ALA D 86 -16.86 -29.71 -14.31
N GLU D 87 -15.96 -30.56 -13.87
CA GLU D 87 -15.39 -31.57 -14.78
C GLU D 87 -16.54 -32.46 -15.34
N SER D 88 -17.47 -32.87 -14.48
CA SER D 88 -18.50 -33.81 -14.89
C SER D 88 -19.40 -33.15 -15.96
N ARG D 89 -19.43 -31.82 -15.97
CA ARG D 89 -20.21 -31.12 -16.96
C ARG D 89 -19.41 -30.87 -18.22
N GLY D 90 -18.17 -31.29 -18.31
CA GLY D 90 -17.40 -31.06 -19.53
C GLY D 90 -16.65 -29.72 -19.54
N ALA D 91 -16.49 -29.06 -18.39
CA ALA D 91 -15.61 -27.87 -18.30
C ALA D 91 -14.25 -28.30 -18.78
N GLU D 92 -13.52 -27.44 -19.48
CA GLU D 92 -12.16 -27.84 -19.90
C GLU D 92 -11.11 -27.57 -18.87
N ALA D 93 -11.38 -26.65 -17.95
CA ALA D 93 -10.46 -26.46 -16.85
C ALA D 93 -11.22 -25.88 -15.67
N VAL D 94 -10.62 -25.90 -14.48
CA VAL D 94 -11.20 -25.06 -13.43
C VAL D 94 -10.08 -24.11 -12.95
N ALA D 95 -10.48 -23.06 -12.26
CA ALA D 95 -9.55 -22.03 -11.84
C ALA D 95 -9.97 -21.69 -10.45
N SER D 96 -9.01 -21.22 -9.69
CA SER D 96 -9.35 -20.74 -8.37
C SER D 96 -8.53 -19.52 -7.97
N LEU D 97 -9.20 -18.51 -7.43
CA LEU D 97 -8.58 -17.52 -6.55
C LEU D 97 -7.87 -18.29 -5.42
N PRO D 98 -6.84 -17.67 -4.82
CA PRO D 98 -6.31 -18.25 -3.62
C PRO D 98 -7.28 -17.95 -2.49
N PRO D 99 -7.13 -18.66 -1.35
CA PRO D 99 -7.95 -18.30 -0.22
C PRO D 99 -7.86 -16.78 0.04
N TYR D 100 -9.02 -16.15 0.21
CA TYR D 100 -9.08 -14.71 0.26
C TYR D 100 -9.72 -14.26 1.54
N TYR D 101 -9.93 -12.94 1.69
CA TYR D 101 -10.41 -12.33 2.95
C TYR D 101 -9.43 -12.48 4.15
N PHE D 102 -9.14 -13.69 4.57
CA PHE D 102 -8.44 -13.85 5.84
C PHE D 102 -7.02 -13.40 5.66
N PRO D 103 -6.58 -12.41 6.43
CA PRO D 103 -5.16 -12.07 6.32
C PRO D 103 -4.20 -13.13 6.92
N ARG D 104 -3.05 -13.28 6.29
CA ARG D 104 -1.97 -14.06 6.87
C ARG D 104 -2.28 -15.54 7.19
N LEU D 105 -3.09 -16.18 6.37
CA LEU D 105 -3.01 -17.61 6.25
C LEU D 105 -1.56 -17.97 6.05
N SER D 106 -1.14 -19.18 6.43
CA SER D 106 0.23 -19.62 6.20
C SER D 106 0.45 -20.16 4.78
N GLU D 107 1.69 -20.27 4.35
CA GLU D 107 1.89 -20.82 3.03
C GLU D 107 1.41 -22.25 2.94
N ARG D 108 1.56 -23.03 4.01
CA ARG D 108 1.13 -24.44 4.02
C ARG D 108 -0.38 -24.51 3.72
N GLN D 109 -1.14 -23.60 4.30
CA GLN D 109 -2.55 -23.51 4.06
C GLN D 109 -2.83 -23.22 2.61
N ILE D 110 -2.27 -22.12 2.11
CA ILE D 110 -2.55 -21.77 0.72
C ILE D 110 -2.15 -22.90 -0.20
N ALA D 111 -1.01 -23.52 0.08
CA ALA D 111 -0.55 -24.62 -0.82
C ALA D 111 -1.45 -25.84 -0.75
N LYS D 112 -1.92 -26.15 0.46
CA LYS D 112 -2.74 -27.34 0.64
C LYS D 112 -4.05 -27.08 -0.10
N TYR D 113 -4.56 -25.85 -0.04
CA TYR D 113 -5.75 -25.51 -0.80
C TYR D 113 -5.60 -25.90 -2.29
N PHE D 114 -4.58 -25.39 -2.99
CA PHE D 114 -4.43 -25.62 -4.44
C PHE D 114 -4.12 -27.06 -4.77
N ARG D 115 -3.25 -27.65 -3.99
CA ARG D 115 -2.89 -29.07 -4.17
C ARG D 115 -4.05 -30.02 -3.99
N ASP D 116 -4.96 -29.73 -3.05
CA ASP D 116 -6.20 -30.50 -2.90
C ASP D 116 -7.15 -30.33 -4.06
N LEU D 117 -7.21 -29.13 -4.62
CA LEU D 117 -7.90 -28.93 -5.91
C LEU D 117 -7.32 -29.73 -7.07
N CYS D 118 -6.02 -29.73 -7.22
CA CYS D 118 -5.44 -30.44 -8.32
C CYS D 118 -5.76 -31.93 -8.18
N SER D 119 -5.61 -32.49 -6.99
CA SER D 119 -5.83 -33.90 -6.83
C SER D 119 -7.28 -34.36 -6.98
N ALA D 120 -8.23 -33.42 -6.88
CA ALA D 120 -9.64 -33.70 -7.02
C ALA D 120 -10.14 -33.85 -8.47
N VAL D 121 -9.39 -33.38 -9.47
CA VAL D 121 -9.89 -33.43 -10.83
C VAL D 121 -8.74 -33.85 -11.75
N SER D 122 -9.05 -34.23 -12.98
CA SER D 122 -7.97 -34.49 -13.93
C SER D 122 -7.88 -33.41 -15.02
N ILE D 123 -8.90 -32.56 -15.15
CA ILE D 123 -8.79 -31.38 -16.02
C ILE D 123 -7.80 -30.39 -15.35
N PRO D 124 -7.20 -29.44 -16.12
CA PRO D 124 -6.21 -28.50 -15.53
C PRO D 124 -6.81 -27.60 -14.47
N VAL D 125 -6.03 -27.33 -13.44
CA VAL D 125 -6.34 -26.26 -12.50
C VAL D 125 -5.49 -25.01 -12.79
N PHE D 126 -6.19 -23.90 -13.03
CA PHE D 126 -5.61 -22.59 -13.29
C PHE D 126 -5.57 -21.84 -11.99
N LEU D 127 -4.45 -21.18 -11.69
CA LEU D 127 -4.47 -20.16 -10.64
C LEU D 127 -5.18 -18.88 -11.17
N TYR D 128 -6.04 -18.27 -10.36
CA TYR D 128 -6.60 -16.99 -10.74
C TYR D 128 -6.07 -16.02 -9.69
N ASN D 129 -5.09 -15.23 -10.06
CA ASN D 129 -4.37 -14.38 -9.09
C ASN D 129 -4.99 -13.03 -9.17
N TYR D 130 -5.32 -12.43 -8.04
CA TYR D 130 -5.95 -11.12 -8.09
C TYR D 130 -5.61 -10.42 -6.80
N PRO D 131 -4.34 -10.02 -6.65
CA PRO D 131 -3.90 -9.49 -5.36
C PRO D 131 -4.81 -8.43 -4.74
N ALA D 132 -5.29 -7.46 -5.53
CA ALA D 132 -6.07 -6.33 -4.98
C ALA D 132 -7.36 -6.74 -4.35
N ALA D 133 -7.96 -7.80 -4.89
CA ALA D 133 -9.20 -8.34 -4.31
C ALA D 133 -8.91 -9.37 -3.27
N VAL D 134 -7.90 -10.22 -3.52
CA VAL D 134 -7.68 -11.38 -2.65
C VAL D 134 -6.91 -11.01 -1.41
N GLY D 135 -6.05 -10.01 -1.54
CA GLY D 135 -5.27 -9.50 -0.41
C GLY D 135 -3.96 -10.26 -0.25
N ARG D 136 -3.62 -11.13 -1.20
CA ARG D 136 -2.34 -11.82 -1.21
C ARG D 136 -2.08 -12.14 -2.65
N ASP D 137 -0.82 -12.41 -2.98
CA ASP D 137 -0.37 -12.61 -4.34
C ASP D 137 0.20 -14.02 -4.33
N VAL D 138 -0.03 -14.80 -5.35
CA VAL D 138 0.71 -16.02 -5.54
C VAL D 138 1.45 -15.80 -6.87
N ASP D 139 2.69 -15.43 -6.79
CA ASP D 139 3.42 -14.99 -7.98
C ASP D 139 3.94 -16.24 -8.72
N ALA D 140 4.77 -16.05 -9.73
CA ALA D 140 5.10 -17.14 -10.63
C ALA D 140 5.97 -18.14 -9.91
N ARG D 141 6.88 -17.65 -9.08
CA ARG D 141 7.68 -18.56 -8.29
C ARG D 141 6.81 -19.44 -7.39
N ALA D 142 5.87 -18.81 -6.67
CA ALA D 142 4.94 -19.52 -5.83
C ALA D 142 4.10 -20.51 -6.64
N ALA D 143 3.63 -20.09 -7.82
CA ALA D 143 2.82 -20.95 -8.69
C ALA D 143 3.63 -22.14 -9.20
N LYS D 144 4.89 -21.93 -9.52
CA LYS D 144 5.68 -23.07 -9.96
C LYS D 144 5.79 -24.09 -8.78
N GLU D 145 6.04 -23.56 -7.58
CA GLU D 145 6.21 -24.34 -6.37
C GLU D 145 4.93 -25.10 -6.01
N LEU D 146 3.75 -24.58 -6.38
CA LEU D 146 2.49 -25.28 -6.05
C LEU D 146 2.57 -26.64 -6.74
N GLY D 147 3.07 -26.65 -7.96
CA GLY D 147 3.43 -27.94 -8.55
C GLY D 147 2.40 -28.52 -9.49
N CYS D 148 1.27 -27.85 -9.64
CA CYS D 148 0.24 -28.46 -10.45
C CYS D 148 -0.58 -27.43 -11.22
N ILE D 149 -0.07 -26.21 -11.30
CA ILE D 149 -0.82 -25.13 -11.89
C ILE D 149 -0.65 -25.21 -13.39
N ARG D 150 -1.76 -25.30 -14.14
CA ARG D 150 -1.64 -25.50 -15.60
C ARG D 150 -1.93 -24.24 -16.43
N GLY D 151 -2.33 -23.16 -15.78
CA GLY D 151 -2.67 -21.97 -16.47
C GLY D 151 -2.79 -20.93 -15.41
N VAL D 152 -2.74 -19.65 -15.82
CA VAL D 152 -2.83 -18.53 -14.87
C VAL D 152 -3.66 -17.42 -15.47
N LYS D 153 -4.63 -16.91 -14.74
CA LYS D 153 -5.22 -15.63 -15.04
C LYS D 153 -4.65 -14.72 -13.96
N ASP D 154 -3.93 -13.68 -14.36
CA ASP D 154 -3.31 -12.73 -13.39
C ASP D 154 -3.96 -11.38 -13.63
N THR D 155 -4.82 -10.98 -12.70
CA THR D 155 -5.47 -9.68 -12.75
C THR D 155 -4.57 -8.75 -12.00
N ASN D 156 -3.78 -8.04 -12.77
CA ASN D 156 -2.64 -7.37 -12.23
C ASN D 156 -2.30 -6.26 -13.20
N GLU D 157 -2.07 -5.06 -12.68
CA GLU D 157 -1.66 -3.97 -13.54
C GLU D 157 -0.21 -4.16 -13.96
N SER D 158 0.51 -5.02 -13.26
CA SER D 158 1.90 -5.26 -13.53
C SER D 158 2.10 -6.36 -14.56
N LEU D 159 2.31 -5.95 -15.80
CA LEU D 159 2.45 -6.91 -16.88
C LEU D 159 3.67 -7.76 -16.72
N ALA D 160 4.72 -7.24 -16.09
CA ALA D 160 5.93 -8.05 -15.89
C ALA D 160 5.60 -9.18 -14.91
N HIS D 161 4.73 -8.91 -13.93
CA HIS D 161 4.27 -9.95 -13.00
C HIS D 161 3.56 -11.02 -13.80
N THR D 162 2.61 -10.64 -14.65
CA THR D 162 1.97 -11.68 -15.48
C THR D 162 2.98 -12.46 -16.31
N LEU D 163 3.95 -11.74 -16.84
CA LEU D 163 4.86 -12.32 -17.81
C LEU D 163 5.76 -13.30 -17.12
N ALA D 164 6.05 -13.06 -15.86
CA ALA D 164 6.88 -13.99 -15.07
C ALA D 164 6.37 -15.44 -15.07
N TYR D 165 5.04 -15.63 -15.11
CA TYR D 165 4.48 -16.96 -15.14
C TYR D 165 4.93 -17.70 -16.40
N LYS D 166 5.08 -16.99 -17.52
CA LYS D 166 5.60 -17.61 -18.74
C LYS D 166 7.07 -17.97 -18.49
N ARG D 167 7.77 -17.18 -17.67
CA ARG D 167 9.15 -17.47 -17.35
C ARG D 167 9.30 -18.73 -16.53
N TYR D 168 8.43 -18.91 -15.53
CA TYR D 168 8.54 -20.05 -14.61
C TYR D 168 7.69 -21.23 -14.99
N LEU D 169 6.60 -20.99 -15.72
CA LEU D 169 5.74 -22.06 -16.17
C LEU D 169 5.56 -21.94 -17.67
N PRO D 170 6.65 -22.12 -18.46
CA PRO D 170 6.49 -21.83 -19.89
C PRO D 170 5.51 -22.79 -20.58
N GLN D 171 5.17 -23.88 -19.93
CA GLN D 171 4.15 -24.77 -20.45
C GLN D 171 2.71 -24.33 -20.13
N ALA D 172 2.51 -23.50 -19.11
CA ALA D 172 1.18 -23.10 -18.71
C ALA D 172 0.63 -22.08 -19.66
N ARG D 173 -0.68 -21.99 -19.77
CA ARG D 173 -1.25 -20.89 -20.50
C ARG D 173 -1.47 -19.72 -19.55
N VAL D 174 -0.98 -18.52 -19.92
CA VAL D 174 -0.98 -17.38 -19.00
C VAL D 174 -1.75 -16.26 -19.64
N TYR D 175 -2.75 -15.74 -18.91
CA TYR D 175 -3.59 -14.66 -19.37
C TYR D 175 -3.47 -13.51 -18.38
N ASN D 176 -3.57 -12.29 -18.90
CA ASN D 176 -3.67 -11.16 -18.04
C ASN D 176 -5.13 -10.78 -17.92
N GLY D 177 -5.58 -10.41 -16.72
CA GLY D 177 -6.97 -10.05 -16.52
C GLY D 177 -7.29 -8.60 -16.33
N SER D 178 -6.39 -7.70 -16.67
CA SER D 178 -6.78 -6.27 -16.61
C SER D 178 -7.29 -5.78 -17.98
N ASP D 179 -8.45 -5.11 -18.03
CA ASP D 179 -8.93 -4.53 -19.30
C ASP D 179 -7.93 -3.52 -19.89
N SER D 180 -7.12 -2.85 -19.05
CA SER D 180 -6.25 -1.79 -19.56
C SER D 180 -5.04 -2.35 -20.21
N LEU D 181 -4.85 -3.67 -20.11
CA LEU D 181 -3.67 -4.33 -20.68
C LEU D 181 -3.98 -5.27 -21.85
N VAL D 182 -5.14 -5.13 -22.43
CA VAL D 182 -5.50 -6.08 -23.50
C VAL D 182 -4.50 -5.91 -24.63
N PHE D 183 -4.41 -4.68 -25.15
CA PHE D 183 -3.41 -4.39 -26.20
C PHE D 183 -2.03 -4.94 -25.80
N ALA D 184 -1.55 -4.56 -24.62
CA ALA D 184 -0.19 -4.94 -24.25
C ALA D 184 -0.06 -6.44 -24.19
N SER D 185 -1.07 -7.10 -23.64
CA SER D 185 -1.00 -8.56 -23.51
C SER D 185 -0.84 -9.24 -24.86
N PHE D 186 -1.61 -8.80 -25.85
CA PHE D 186 -1.49 -9.31 -27.17
C PHE D 186 -0.11 -8.94 -27.71
N ALA D 187 0.30 -7.66 -27.50
CA ALA D 187 1.62 -7.22 -27.92
C ALA D 187 2.75 -8.08 -27.43
N VAL D 188 2.70 -8.50 -26.17
CA VAL D 188 3.80 -9.31 -25.64
C VAL D 188 3.58 -10.78 -25.80
N ARG D 189 2.48 -11.16 -26.45
CA ARG D 189 2.17 -12.55 -26.74
C ARG D 189 1.99 -13.41 -25.50
N LEU D 190 1.18 -12.93 -24.55
CA LEU D 190 0.68 -13.81 -23.50
C LEU D 190 -0.26 -14.77 -24.26
N ASP D 191 -0.71 -15.84 -23.62
CA ASP D 191 -1.66 -16.72 -24.29
C ASP D 191 -3.05 -16.10 -24.50
N GLY D 192 -3.39 -15.03 -23.78
CA GLY D 192 -4.61 -14.33 -24.13
C GLY D 192 -4.99 -13.42 -22.98
N VAL D 193 -6.20 -12.90 -23.00
CA VAL D 193 -6.62 -12.02 -21.95
C VAL D 193 -7.92 -12.55 -21.37
N VAL D 194 -8.15 -12.33 -20.06
CA VAL D 194 -9.49 -12.47 -19.54
C VAL D 194 -10.00 -11.13 -19.10
N ALA D 195 -10.84 -10.53 -19.91
CA ALA D 195 -11.17 -9.15 -19.75
C ALA D 195 -12.64 -9.01 -19.53
N SER D 196 -13.00 -8.30 -18.48
CA SER D 196 -14.38 -7.98 -18.23
C SER D 196 -15.12 -7.39 -19.44
N SER D 197 -14.44 -6.60 -20.24
CA SER D 197 -15.08 -5.96 -21.39
C SER D 197 -15.46 -6.93 -22.52
N ALA D 198 -15.07 -8.20 -22.40
CA ALA D 198 -15.54 -9.24 -23.30
C ALA D 198 -17.06 -9.39 -23.09
N ASN D 199 -17.59 -8.99 -21.95
CA ASN D 199 -19.02 -9.05 -21.81
C ASN D 199 -19.73 -8.07 -22.77
N TYR D 200 -19.18 -6.87 -22.95
CA TYR D 200 -19.96 -5.80 -23.57
C TYR D 200 -19.43 -5.28 -24.87
N LEU D 201 -18.13 -5.50 -25.12
CA LEU D 201 -17.44 -5.11 -26.35
C LEU D 201 -16.50 -6.19 -26.82
N PRO D 202 -17.00 -7.41 -26.92
CA PRO D 202 -16.06 -8.44 -27.39
C PRO D 202 -15.44 -8.14 -28.76
N GLU D 203 -16.13 -7.38 -29.61
CA GLU D 203 -15.65 -7.19 -30.99
C GLU D 203 -14.57 -6.10 -31.05
N LEU D 204 -14.60 -5.21 -30.07
CA LEU D 204 -13.48 -4.28 -29.81
C LEU D 204 -12.22 -5.02 -29.38
N LEU D 205 -12.33 -6.05 -28.55
CA LEU D 205 -11.15 -6.79 -28.15
C LEU D 205 -10.60 -7.61 -29.29
N ALA D 206 -11.50 -8.18 -30.07
CA ALA D 206 -11.09 -8.90 -31.29
C ALA D 206 -10.46 -7.91 -32.27
N GLY D 207 -11.00 -6.70 -32.37
CA GLY D 207 -10.28 -5.64 -33.12
C GLY D 207 -8.83 -5.41 -32.65
N ILE D 208 -8.65 -5.19 -31.34
CA ILE D 208 -7.32 -4.94 -30.80
C ILE D 208 -6.44 -6.10 -31.17
N ARG D 209 -6.96 -7.30 -30.97
CA ARG D 209 -6.14 -8.48 -31.26
C ARG D 209 -5.72 -8.54 -32.72
N ASP D 210 -6.68 -8.25 -33.61
CA ASP D 210 -6.50 -8.25 -35.03
C ASP D 210 -5.45 -7.23 -35.39
N ALA D 211 -5.60 -6.03 -34.84
CA ALA D 211 -4.66 -4.95 -35.13
C ALA D 211 -3.28 -5.32 -34.63
N VAL D 212 -3.18 -6.00 -33.49
CA VAL D 212 -1.85 -6.35 -33.00
C VAL D 212 -1.24 -7.35 -33.97
N ALA D 213 -2.04 -8.32 -34.38
CA ALA D 213 -1.60 -9.36 -35.29
C ALA D 213 -1.21 -8.81 -36.67
N ALA D 214 -1.95 -7.85 -37.21
CA ALA D 214 -1.51 -7.14 -38.41
C ALA D 214 -0.11 -6.53 -38.16
N GLY D 215 -0.04 -5.54 -37.26
CA GLY D 215 1.19 -4.82 -36.98
C GLY D 215 0.72 -3.39 -36.88
N ASP D 216 -0.60 -3.23 -36.86
CA ASP D 216 -1.16 -1.90 -36.73
C ASP D 216 -1.21 -1.58 -35.23
N ILE D 217 -0.03 -1.66 -34.60
CA ILE D 217 0.14 -1.39 -33.17
C ILE D 217 -0.51 -0.06 -32.81
N GLU D 218 -0.38 0.90 -33.71
CA GLU D 218 -1.04 2.18 -33.56
C GLU D 218 -2.57 2.09 -33.58
N ARG D 219 -3.12 1.14 -34.34
CA ARG D 219 -4.58 0.96 -34.31
C ARG D 219 -4.99 0.29 -33.00
N ALA D 220 -4.22 -0.75 -32.65
CA ALA D 220 -4.44 -1.48 -31.38
C ALA D 220 -4.50 -0.48 -30.26
N ARG D 221 -3.49 0.39 -30.21
CA ARG D 221 -3.35 1.28 -29.08
C ARG D 221 -4.53 2.20 -29.04
N SER D 222 -4.92 2.67 -30.20
CA SER D 222 -6.02 3.59 -30.26
C SER D 222 -7.36 2.93 -29.85
N LEU D 223 -7.56 1.66 -30.25
CA LEU D 223 -8.76 0.91 -29.78
C LEU D 223 -8.74 0.73 -28.28
N GLN D 224 -7.57 0.39 -27.78
CA GLN D 224 -7.37 0.24 -26.34
C GLN D 224 -7.70 1.50 -25.59
N PHE D 225 -7.32 2.67 -26.13
CA PHE D 225 -7.66 3.93 -25.41
C PHE D 225 -9.15 4.18 -25.44
N LEU D 226 -9.78 3.83 -26.56
CA LEU D 226 -11.25 3.96 -26.60
C LEU D 226 -11.85 3.16 -25.49
N LEU D 227 -11.37 1.93 -25.41
CA LEU D 227 -11.84 1.01 -24.36
C LEU D 227 -11.54 1.56 -22.98
N ASP D 228 -10.36 2.15 -22.76
CA ASP D 228 -10.08 2.67 -21.40
C ASP D 228 -11.06 3.75 -21.01
N GLU D 229 -11.49 4.52 -22.00
CA GLU D 229 -12.36 5.65 -21.70
C GLU D 229 -13.68 5.12 -21.19
N ILE D 230 -14.11 4.00 -21.74
CA ILE D 230 -15.40 3.42 -21.33
C ILE D 230 -15.30 2.78 -19.96
N VAL D 231 -14.22 2.04 -19.73
CA VAL D 231 -14.07 1.40 -18.41
C VAL D 231 -14.09 2.47 -17.34
N GLU D 232 -13.38 3.57 -17.58
CA GLU D 232 -13.32 4.68 -16.62
C GLU D 232 -14.66 5.24 -16.22
N SER D 233 -15.56 5.41 -17.18
CA SER D 233 -16.86 5.93 -16.83
C SER D 233 -17.60 4.94 -15.97
N ALA D 234 -17.52 3.68 -16.34
CA ALA D 234 -18.14 2.63 -15.58
C ALA D 234 -17.47 2.55 -14.20
N ARG D 235 -16.16 2.78 -14.09
CA ARG D 235 -15.53 2.71 -12.75
C ARG D 235 -16.12 3.80 -11.87
N HIS D 236 -16.46 4.92 -12.50
CA HIS D 236 -16.95 6.05 -11.76
C HIS D 236 -18.18 5.74 -10.93
N ILE D 237 -19.06 4.89 -11.42
CA ILE D 237 -20.31 4.68 -10.70
C ILE D 237 -20.41 3.33 -10.05
N GLY D 238 -19.38 2.48 -10.18
CA GLY D 238 -19.45 1.15 -9.61
C GLY D 238 -19.31 0.15 -10.74
N TYR D 239 -18.08 -0.19 -11.08
CA TYR D 239 -17.83 -1.07 -12.21
C TYR D 239 -18.59 -2.36 -12.18
N ALA D 240 -18.69 -3.01 -11.05
CA ALA D 240 -19.30 -4.32 -11.03
C ALA D 240 -20.77 -4.30 -11.49
N ALA D 241 -21.58 -3.36 -10.98
CA ALA D 241 -22.93 -3.18 -11.50
C ALA D 241 -22.91 -2.60 -12.96
N ALA D 242 -21.90 -1.84 -13.31
CA ALA D 242 -21.94 -1.10 -14.54
C ALA D 242 -21.71 -2.07 -15.68
N VAL D 243 -20.86 -3.09 -15.49
CA VAL D 243 -20.71 -4.08 -16.56
C VAL D 243 -22.07 -4.48 -17.15
N TYR D 244 -23.08 -4.74 -16.30
CA TYR D 244 -24.42 -5.16 -16.77
C TYR D 244 -25.07 -4.12 -17.66
N GLU D 245 -24.87 -2.85 -17.34
CA GLU D 245 -25.44 -1.78 -18.15
C GLU D 245 -24.66 -1.58 -19.43
N LEU D 246 -23.32 -1.64 -19.37
CA LEU D 246 -22.52 -1.59 -20.60
C LEU D 246 -22.95 -2.65 -21.59
N VAL D 247 -23.40 -3.81 -21.11
CA VAL D 247 -23.76 -4.93 -22.00
C VAL D 247 -25.01 -4.49 -22.77
N GLU D 248 -25.99 -3.98 -22.03
CA GLU D 248 -27.19 -3.41 -22.60
C GLU D 248 -26.90 -2.31 -23.57
N ILE D 249 -26.08 -1.36 -23.15
CA ILE D 249 -25.70 -0.29 -24.04
C ILE D 249 -25.10 -0.78 -25.34
N PHE D 250 -24.11 -1.67 -25.30
CA PHE D 250 -23.38 -1.98 -26.52
C PHE D 250 -23.86 -3.21 -27.27
N GLN D 251 -24.59 -4.09 -26.56
CA GLN D 251 -24.98 -5.40 -27.11
C GLN D 251 -26.48 -5.44 -27.36
N GLY D 252 -27.21 -4.55 -26.71
CA GLY D 252 -28.56 -4.26 -27.08
C GLY D 252 -29.66 -5.10 -26.47
N TYR D 253 -29.29 -6.03 -25.57
CA TYR D 253 -30.30 -6.82 -24.90
C TYR D 253 -30.23 -6.65 -23.42
N GLU D 254 -31.22 -7.23 -22.74
CA GLU D 254 -31.30 -7.15 -21.30
C GLU D 254 -30.25 -8.09 -20.72
N ALA D 255 -29.57 -7.61 -19.69
CA ALA D 255 -28.40 -8.28 -19.16
C ALA D 255 -28.66 -8.82 -17.73
N GLY D 256 -29.83 -8.56 -17.19
CA GLY D 256 -30.13 -9.03 -15.90
C GLY D 256 -29.42 -8.08 -15.00
N GLU D 257 -29.15 -8.51 -13.79
CA GLU D 257 -28.67 -7.54 -12.83
C GLU D 257 -27.82 -8.27 -11.83
N PRO D 258 -26.93 -7.55 -11.07
CA PRO D 258 -26.09 -8.16 -10.04
C PRO D 258 -26.95 -8.37 -8.79
N ARG D 259 -26.37 -8.83 -7.68
CA ARG D 259 -27.15 -9.00 -6.48
C ARG D 259 -26.41 -8.31 -5.36
N GLY D 260 -27.15 -7.61 -4.53
CA GLY D 260 -26.53 -6.97 -3.46
C GLY D 260 -25.76 -7.73 -2.41
N PRO D 261 -24.54 -7.27 -2.15
CA PRO D 261 -24.17 -5.94 -1.75
C PRO D 261 -23.74 -5.28 -3.06
N VAL D 262 -23.64 -6.05 -4.13
CA VAL D 262 -23.34 -5.41 -5.39
C VAL D 262 -24.66 -4.99 -6.01
N TYR D 263 -25.30 -3.93 -5.47
CA TYR D 263 -26.66 -3.61 -5.92
C TYR D 263 -26.62 -3.09 -7.35
N PRO D 264 -27.67 -3.39 -8.11
CA PRO D 264 -27.79 -2.98 -9.50
C PRO D 264 -27.78 -1.45 -9.59
N LEU D 265 -27.35 -0.89 -10.73
CA LEU D 265 -27.37 0.55 -10.91
C LEU D 265 -28.80 1.10 -10.72
N ASP D 266 -28.92 2.33 -10.22
CA ASP D 266 -30.22 2.98 -10.20
C ASP D 266 -30.42 3.76 -11.51
N PRO D 267 -31.68 4.17 -11.83
CA PRO D 267 -31.95 4.90 -13.10
C PRO D 267 -31.05 6.10 -13.36
N GLU D 268 -30.78 6.86 -12.32
CA GLU D 268 -29.87 8.02 -12.44
C GLU D 268 -28.45 7.59 -12.88
N GLU D 269 -28.01 6.41 -12.40
CA GLU D 269 -26.62 5.96 -12.61
C GLU D 269 -26.48 5.50 -14.06
N LYS D 270 -27.50 4.76 -14.51
CA LYS D 270 -27.59 4.28 -15.89
C LYS D 270 -27.65 5.41 -16.90
N ALA D 271 -28.48 6.41 -16.62
CA ALA D 271 -28.63 7.55 -17.52
C ALA D 271 -27.31 8.19 -17.62
N TRP D 272 -26.64 8.31 -16.47
CA TRP D 272 -25.35 9.01 -16.45
C TRP D 272 -24.35 8.22 -17.27
N LEU D 273 -24.31 6.93 -17.00
CA LEU D 273 -23.42 6.04 -17.76
C LEU D 273 -23.72 6.11 -19.25
N ARG D 274 -24.98 5.86 -19.63
CA ARG D 274 -25.36 5.95 -21.05
C ARG D 274 -24.78 7.22 -21.66
N ALA D 275 -25.01 8.35 -20.99
CA ALA D 275 -24.55 9.64 -21.47
C ALA D 275 -23.05 9.72 -21.49
N ALA D 276 -22.40 9.18 -20.44
CA ALA D 276 -20.92 9.17 -20.38
C ALA D 276 -20.24 8.33 -21.44
N VAL D 277 -20.83 7.21 -21.82
CA VAL D 277 -20.21 6.42 -22.88
C VAL D 277 -20.63 6.89 -24.25
N ALA D 278 -21.74 7.62 -24.36
CA ALA D 278 -22.16 8.11 -25.69
C ALA D 278 -21.02 8.90 -26.35
N LYS D 279 -20.31 9.70 -25.54
CA LYS D 279 -19.10 10.37 -26.01
C LYS D 279 -18.16 9.46 -26.87
N ALA D 280 -17.89 8.26 -26.35
CA ALA D 280 -16.93 7.34 -26.97
C ALA D 280 -17.57 6.19 -27.81
N LYS D 281 -18.86 5.91 -27.60
CA LYS D 281 -19.63 4.92 -28.38
C LYS D 281 -19.74 5.30 -29.86
N SER D 282 -19.74 6.61 -30.12
CA SER D 282 -19.67 7.16 -31.48
C SER D 282 -18.29 6.97 -32.12
N GLN D 283 -17.21 7.30 -31.40
CA GLN D 283 -15.84 7.13 -31.92
C GLN D 283 -15.51 5.67 -32.34
N LEU D 284 -16.44 4.74 -32.05
CA LEU D 284 -16.25 3.27 -32.23
C LEU D 284 -15.85 2.79 -33.63
C PYR E . 16.62 6.44 -13.32
O PYR E . 17.39 5.65 -12.74
OXT PYR E . 16.81 7.68 -13.28
CA PYR E . 15.56 5.91 -13.98
CB PYR E . 15.35 4.42 -14.02
C PYR F . 8.96 16.19 12.45
O PYR F . 8.28 16.95 11.78
OXT PYR F . 10.20 16.19 12.35
CA PYR F . 8.35 15.37 13.29
CB PYR F . 6.88 15.54 13.27
C PYR G . -13.10 -10.48 14.92
O PYR G . -12.22 -11.39 14.93
OXT PYR G . -14.29 -10.63 14.46
CA PYR G . -12.81 -9.27 15.41
CB PYR G . -11.45 -9.09 15.94
C PYR H . -12.83 -11.93 -13.55
O PYR H . -13.62 -10.98 -13.40
OXT PYR H . -13.17 -13.08 -13.24
CA PYR H . -11.61 -11.68 -14.03
CB PYR H . -11.32 -10.24 -14.34
#